data_3G3B
#
_entry.id   3G3B
#
_cell.length_a   62.874
_cell.length_b   106.244
_cell.length_c   218.544
_cell.angle_alpha   90.00
_cell.angle_beta   90.00
_cell.angle_gamma   90.00
#
_symmetry.space_group_name_H-M   'P 21 21 21'
#
loop_
_entity.id
_entity.type
_entity.pdbx_description
1 polymer 'variable lymphocyte receptor VLRB.2D'
2 polymer 'Lysozyme C'
3 water water
#
loop_
_entity_poly.entity_id
_entity_poly.type
_entity_poly.pdbx_seq_one_letter_code
_entity_poly.pdbx_strand_id
1 'polypeptide(L)'
;MACPSQCSCSGTTVDCSGKSLASVPTGIPTTTQVLYLYDNRITKLEPGVFDRLTQLTRLDLDNNQLTVLPAGVFDKLTQL
TQLSLNDNQLKSIPRGAFDNLRSLTHIWLLNNPWDCACSDILYLSRWISQHPWLVFGYLNLDHDSARCSGTNTPVRAVTK
ASTSPSKCPG
;
A,C,E,G
2 'polypeptide(L)'
;KVFGRCELAAAMKRHGLDNYRGYSLGNWVCAAKFESNFNTQATNRNTDGSTDYGILQINSRWWCNDGRTPGSRNLCNIPC
SALLSSDITASVNCAKKIVSDGNGMNAWVAWRNRCKGTDVQAWIRGCRL
;
B,D,F,H
#
# COMPACT_ATOMS: atom_id res chain seq x y z
N ALA A 2 26.46 0.28 -12.48
CA ALA A 2 27.22 1.20 -11.57
C ALA A 2 26.32 2.28 -10.99
N CYS A 3 25.90 2.09 -9.75
CA CYS A 3 25.10 3.06 -9.00
C CYS A 3 25.97 4.01 -8.14
N PRO A 4 25.72 5.34 -8.20
CA PRO A 4 26.46 6.37 -7.45
C PRO A 4 26.47 6.20 -5.90
N SER A 5 27.60 6.56 -5.29
CA SER A 5 27.90 6.18 -3.90
C SER A 5 26.90 6.75 -2.90
N GLN A 6 26.46 7.98 -3.15
CA GLN A 6 25.54 8.62 -2.24
C GLN A 6 24.09 8.11 -2.44
N CYS A 7 23.89 7.22 -3.42
CA CYS A 7 22.53 6.82 -3.84
C CYS A 7 22.21 5.33 -3.81
N SER A 8 20.98 5.03 -3.38
CA SER A 8 20.38 3.69 -3.41
C SER A 8 19.77 3.43 -4.79
N CYS A 9 19.85 2.20 -5.29
CA CYS A 9 19.44 1.89 -6.65
C CYS A 9 18.74 0.55 -6.85
N SER A 10 17.44 0.61 -7.11
CA SER A 10 16.64 -0.58 -7.33
C SER A 10 16.20 -0.63 -8.77
N GLY A 11 16.73 -1.57 -9.55
CA GLY A 11 16.42 -1.64 -10.99
C GLY A 11 16.79 -0.35 -11.70
N THR A 12 15.83 0.30 -12.36
CA THR A 12 16.13 1.55 -13.08
C THR A 12 15.80 2.82 -12.27
N THR A 13 15.47 2.63 -11.00
CA THR A 13 15.20 3.74 -10.08
C THR A 13 16.48 4.05 -9.31
N VAL A 14 16.84 5.35 -9.27
CA VAL A 14 17.99 5.88 -8.53
C VAL A 14 17.44 6.88 -7.52
N ASP A 15 17.74 6.69 -6.25
CA ASP A 15 17.19 7.52 -5.20
C ASP A 15 18.24 8.32 -4.41
N CYS A 16 18.36 9.61 -4.71
CA CYS A 16 19.30 10.54 -4.03
C CYS A 16 18.56 11.53 -3.17
N SER A 17 17.33 11.20 -2.83
CA SER A 17 16.53 12.08 -2.01
C SER A 17 17.06 12.06 -0.57
N GLY A 18 16.89 13.17 0.15
CA GLY A 18 17.12 13.23 1.57
C GLY A 18 18.54 12.90 2.03
N LYS A 19 19.53 13.29 1.22
CA LYS A 19 20.90 12.89 1.47
C LYS A 19 21.85 14.08 1.56
N SER A 20 21.32 15.23 2.02
CA SER A 20 22.13 16.44 2.30
C SER A 20 23.07 16.90 1.16
N LEU A 21 22.87 16.32 -0.03
CA LEU A 21 23.57 16.68 -1.29
C LEU A 21 23.59 18.15 -1.68
N ALA A 22 24.72 18.56 -2.26
CA ALA A 22 24.96 19.92 -2.66
C ALA A 22 25.01 19.99 -4.18
N SER A 23 25.23 18.84 -4.82
CA SER A 23 25.24 18.78 -6.27
C SER A 23 24.64 17.47 -6.79
N VAL A 24 24.36 17.39 -8.09
CA VAL A 24 23.77 16.16 -8.62
C VAL A 24 24.87 15.13 -8.72
N PRO A 25 24.68 13.97 -8.07
CA PRO A 25 25.74 12.97 -8.13
C PRO A 25 26.24 12.74 -9.54
N THR A 26 27.53 12.46 -9.64
CA THR A 26 28.07 11.98 -10.89
C THR A 26 27.83 10.47 -11.03
N GLY A 27 27.85 9.96 -12.27
CA GLY A 27 27.73 8.52 -12.54
C GLY A 27 26.36 7.83 -12.52
N ILE A 28 25.29 8.61 -12.62
CA ILE A 28 23.92 8.08 -12.81
C ILE A 28 23.88 7.27 -14.12
N PRO A 29 23.51 5.96 -14.07
CA PRO A 29 23.53 5.08 -15.25
C PRO A 29 22.59 5.61 -16.35
N THR A 30 22.93 5.40 -17.62
CA THR A 30 22.20 6.04 -18.72
C THR A 30 20.82 5.45 -18.99
N THR A 31 20.47 4.42 -18.22
CA THR A 31 19.26 3.64 -18.43
C THR A 31 18.29 3.90 -17.28
N THR A 32 18.72 4.73 -16.33
CA THR A 32 17.83 5.23 -15.29
C THR A 32 16.51 5.69 -15.91
N GLN A 33 15.41 5.39 -15.22
CA GLN A 33 14.08 5.86 -15.61
C GLN A 33 13.42 6.73 -14.54
N VAL A 34 13.71 6.46 -13.27
CA VAL A 34 13.25 7.31 -12.18
C VAL A 34 14.45 7.85 -11.42
N LEU A 35 14.43 9.16 -11.18
CA LEU A 35 15.53 9.85 -10.51
C LEU A 35 14.98 10.83 -9.48
N TYR A 36 15.23 10.48 -8.22
CA TYR A 36 14.80 11.21 -7.07
C TYR A 36 15.98 12.02 -6.58
N LEU A 37 15.81 13.33 -6.54
CA LEU A 37 16.85 14.22 -6.13
C LEU A 37 16.24 15.18 -5.18
N TYR A 38 15.05 14.83 -4.70
CA TYR A 38 14.25 15.79 -3.94
C TYR A 38 14.78 15.92 -2.52
N ASP A 39 14.50 17.02 -1.83
CA ASP A 39 14.90 17.13 -0.44
C ASP A 39 16.43 17.04 -0.25
N ASN A 40 17.14 17.96 -0.87
CA ASN A 40 18.57 18.04 -0.81
C ASN A 40 18.91 19.51 -0.67
N ARG A 41 20.17 19.86 -0.97
CA ARG A 41 20.61 21.23 -1.01
C ARG A 41 21.32 21.55 -2.31
N ILE A 42 20.75 21.10 -3.41
CA ILE A 42 21.27 21.43 -4.71
C ILE A 42 20.85 22.86 -5.02
N THR A 43 21.84 23.66 -5.44
CA THR A 43 21.67 25.11 -5.60
C THR A 43 21.80 25.47 -7.06
N LYS A 44 22.36 24.56 -7.85
CA LYS A 44 22.53 24.77 -9.27
C LYS A 44 22.54 23.43 -10.00
N LEU A 45 22.32 23.46 -11.33
CA LEU A 45 22.51 22.26 -12.17
C LEU A 45 23.46 22.61 -13.33
N GLU A 46 24.40 21.72 -13.62
CA GLU A 46 25.32 21.94 -14.74
C GLU A 46 24.58 21.84 -16.07
N PRO A 47 24.86 22.76 -17.02
CA PRO A 47 24.32 22.51 -18.37
C PRO A 47 24.55 21.04 -18.77
N GLY A 48 23.55 20.41 -19.35
CA GLY A 48 23.76 19.07 -19.86
C GLY A 48 23.80 17.95 -18.83
N VAL A 49 23.60 18.27 -17.57
CA VAL A 49 23.57 17.24 -16.53
C VAL A 49 22.63 16.06 -16.85
N PHE A 50 21.50 16.31 -17.53
CA PHE A 50 20.54 15.23 -17.83
C PHE A 50 20.58 14.72 -19.24
N ASP A 51 21.36 15.36 -20.09
CA ASP A 51 21.36 15.14 -21.53
C ASP A 51 21.49 13.71 -21.98
N ARG A 52 22.21 12.89 -21.23
CA ARG A 52 22.49 11.51 -21.60
C ARG A 52 21.47 10.52 -21.00
N LEU A 53 20.60 11.07 -20.16
CA LEU A 53 19.60 10.32 -19.43
C LEU A 53 18.25 10.34 -20.16
N THR A 54 18.26 9.79 -21.37
CA THR A 54 17.14 9.88 -22.29
C THR A 54 15.97 8.94 -21.95
N GLN A 55 16.21 7.96 -21.06
CA GLN A 55 15.16 7.02 -20.63
C GLN A 55 14.34 7.47 -19.41
N LEU A 56 14.68 8.63 -18.83
CA LEU A 56 13.90 9.18 -17.70
C LEU A 56 12.40 9.36 -17.99
N THR A 57 11.57 8.89 -17.06
CA THR A 57 10.13 9.08 -17.10
C THR A 57 9.68 9.93 -15.92
N ARG A 58 10.46 9.90 -14.85
CA ARG A 58 10.16 10.69 -13.65
C ARG A 58 11.43 11.27 -13.08
N LEU A 59 11.38 12.58 -12.85
CA LEU A 59 12.49 13.35 -12.30
C LEU A 59 11.96 14.29 -11.23
N ASP A 60 12.36 14.02 -9.98
CA ASP A 60 11.93 14.84 -8.84
C ASP A 60 13.08 15.76 -8.44
N LEU A 61 12.89 17.08 -8.61
CA LEU A 61 13.91 18.07 -8.28
C LEU A 61 13.46 18.99 -7.19
N ASP A 62 12.37 18.62 -6.52
CA ASP A 62 11.66 19.55 -5.65
C ASP A 62 12.36 19.67 -4.30
N ASN A 63 12.08 20.73 -3.52
CA ASN A 63 12.64 20.86 -2.17
C ASN A 63 14.17 20.82 -2.21
N ASN A 64 14.76 21.59 -3.14
CA ASN A 64 16.19 21.83 -3.18
C ASN A 64 16.38 23.32 -2.97
N GLN A 65 17.41 23.93 -3.56
CA GLN A 65 17.49 25.39 -3.43
C GLN A 65 17.81 26.11 -4.76
N LEU A 66 17.24 25.66 -5.86
CA LEU A 66 17.62 26.19 -7.17
C LEU A 66 17.03 27.56 -7.40
N THR A 67 17.81 28.41 -8.06
CA THR A 67 17.46 29.81 -8.26
C THR A 67 17.19 30.06 -9.73
N VAL A 68 17.71 29.18 -10.58
CA VAL A 68 17.71 29.42 -12.01
C VAL A 68 17.86 28.05 -12.62
N LEU A 69 17.40 27.82 -13.86
CA LEU A 69 17.72 26.55 -14.54
C LEU A 69 18.59 26.86 -15.73
N PRO A 70 19.57 26.01 -16.03
CA PRO A 70 20.24 26.19 -17.33
C PRO A 70 19.29 26.02 -18.50
N ALA A 71 19.54 26.76 -19.57
CA ALA A 71 18.83 26.61 -20.83
C ALA A 71 19.18 25.26 -21.45
N GLY A 72 18.16 24.57 -21.98
CA GLY A 72 18.32 23.25 -22.64
C GLY A 72 18.30 22.04 -21.71
N VAL A 73 18.20 22.31 -20.41
CA VAL A 73 18.41 21.32 -19.36
C VAL A 73 17.54 20.07 -19.46
N PHE A 74 16.31 20.24 -19.97
CA PHE A 74 15.36 19.11 -20.16
C PHE A 74 15.14 18.72 -21.64
N ASP A 75 15.97 19.19 -22.56
CA ASP A 75 15.70 19.07 -24.02
C ASP A 75 15.80 17.67 -24.57
N LYS A 76 16.62 16.85 -23.94
CA LYS A 76 16.82 15.46 -24.36
C LYS A 76 15.79 14.48 -23.74
N LEU A 77 15.03 14.96 -22.75
CA LEU A 77 14.15 14.10 -21.93
C LEU A 77 12.78 13.82 -22.58
N THR A 78 12.79 13.23 -23.77
CA THR A 78 11.54 13.05 -24.54
C THR A 78 10.50 12.04 -23.98
N GLN A 79 10.89 11.21 -22.99
CA GLN A 79 10.03 10.19 -22.39
C GLN A 79 9.56 10.57 -21.00
N LEU A 80 9.89 11.80 -20.59
CA LEU A 80 9.64 12.26 -19.24
C LEU A 80 8.18 12.57 -19.10
N THR A 81 7.54 11.90 -18.14
CA THR A 81 6.11 12.10 -17.89
C THR A 81 5.83 12.90 -16.63
N GLN A 82 6.70 12.78 -15.62
CA GLN A 82 6.57 13.54 -14.37
C GLN A 82 7.80 14.39 -14.00
N LEU A 83 7.54 15.64 -13.61
CA LEU A 83 8.56 16.64 -13.26
C LEU A 83 8.11 17.45 -12.08
N SER A 84 8.79 17.28 -10.94
CA SER A 84 8.57 18.18 -9.83
C SER A 84 9.70 19.22 -9.67
N LEU A 85 9.28 20.47 -9.55
CA LEU A 85 10.13 21.65 -9.46
C LEU A 85 9.76 22.50 -8.25
N ASN A 86 8.75 22.04 -7.53
CA ASN A 86 8.16 22.84 -6.45
C ASN A 86 9.16 23.05 -5.30
N ASP A 87 8.87 24.03 -4.44
CA ASP A 87 9.71 24.33 -3.28
C ASP A 87 11.19 24.48 -3.66
N ASN A 88 11.46 25.39 -4.57
CA ASN A 88 12.81 25.81 -4.86
C ASN A 88 12.82 27.34 -4.74
N GLN A 89 13.73 27.99 -5.45
CA GLN A 89 13.82 29.44 -5.37
C GLN A 89 13.81 30.07 -6.77
N LEU A 90 13.03 29.47 -7.68
CA LEU A 90 13.02 29.87 -9.07
C LEU A 90 12.14 31.08 -9.25
N LYS A 91 12.63 32.03 -10.03
CA LYS A 91 11.89 33.25 -10.33
C LYS A 91 11.24 33.14 -11.71
N SER A 92 11.93 32.50 -12.66
CA SER A 92 11.37 32.27 -13.98
C SER A 92 11.76 30.87 -14.47
N ILE A 93 11.29 30.56 -15.69
CA ILE A 93 11.70 29.37 -16.45
C ILE A 93 12.21 29.85 -17.82
N PRO A 94 13.41 29.44 -18.26
CA PRO A 94 13.91 29.96 -19.56
C PRO A 94 13.00 29.68 -20.76
N ARG A 95 13.03 30.56 -21.78
CA ARG A 95 12.26 30.42 -23.03
C ARG A 95 12.46 29.03 -23.58
N GLY A 96 11.39 28.23 -23.63
CA GLY A 96 11.46 26.93 -24.26
C GLY A 96 11.89 25.74 -23.41
N ALA A 97 12.01 25.90 -22.09
CA ALA A 97 12.48 24.82 -21.21
C ALA A 97 11.70 23.53 -21.44
N PHE A 98 10.38 23.66 -21.53
CA PHE A 98 9.47 22.53 -21.58
C PHE A 98 9.05 22.06 -22.96
N ASP A 99 9.68 22.59 -24.01
CA ASP A 99 9.15 22.38 -25.40
C ASP A 99 9.34 20.98 -25.95
N ASN A 100 10.44 20.33 -25.56
CA ASN A 100 10.74 18.97 -26.04
C ASN A 100 10.11 17.86 -25.24
N LEU A 101 9.32 18.26 -24.23
CA LEU A 101 8.73 17.34 -23.26
C LEU A 101 7.38 16.74 -23.71
N ARG A 102 7.42 15.95 -24.77
CA ARG A 102 6.21 15.47 -25.43
C ARG A 102 5.41 14.37 -24.68
N SER A 103 6.04 13.71 -23.69
CA SER A 103 5.37 12.71 -22.85
C SER A 103 4.92 13.24 -21.49
N LEU A 104 5.08 14.53 -21.27
CA LEU A 104 4.74 15.11 -19.97
C LEU A 104 3.24 14.98 -19.64
N THR A 105 2.92 14.56 -18.40
CA THR A 105 1.53 14.47 -17.93
C THR A 105 1.33 15.19 -16.63
N HIS A 106 2.41 15.34 -15.87
CA HIS A 106 2.37 15.97 -14.53
C HIS A 106 3.61 16.87 -14.36
N ILE A 107 3.39 18.13 -14.00
CA ILE A 107 4.44 18.99 -13.54
C ILE A 107 3.95 19.65 -12.25
N TRP A 108 4.86 19.77 -11.29
CA TRP A 108 4.61 20.49 -10.03
C TRP A 108 5.47 21.74 -10.02
N LEU A 109 4.88 22.89 -9.80
CA LEU A 109 5.60 24.18 -9.91
C LEU A 109 5.51 25.05 -8.68
N LEU A 110 4.57 24.74 -7.80
CA LEU A 110 4.22 25.65 -6.70
C LEU A 110 5.34 25.88 -5.65
N ASN A 111 5.13 26.83 -4.75
CA ASN A 111 6.11 27.16 -3.73
C ASN A 111 7.49 27.51 -4.36
N ASN A 112 7.43 28.26 -5.46
CA ASN A 112 8.57 28.99 -6.01
C ASN A 112 8.20 30.48 -6.02
N PRO A 113 9.18 31.38 -5.74
CA PRO A 113 8.90 32.85 -5.72
C PRO A 113 8.81 33.40 -7.13
N TRP A 114 7.87 32.86 -7.93
CA TRP A 114 7.68 33.23 -9.34
C TRP A 114 7.50 34.73 -9.39
N ASP A 115 8.34 35.38 -10.21
CA ASP A 115 8.39 36.86 -10.31
C ASP A 115 7.60 37.36 -11.53
N CYS A 116 6.43 37.88 -11.26
CA CYS A 116 5.44 38.13 -12.31
C CYS A 116 5.50 39.60 -12.78
N ALA A 117 6.20 40.44 -12.00
CA ALA A 117 6.64 41.77 -12.45
C ALA A 117 7.58 41.80 -13.66
N CYS A 118 8.25 40.68 -13.97
CA CYS A 118 9.31 40.64 -14.98
C CYS A 118 8.94 39.92 -16.27
N SER A 119 9.57 40.34 -17.34
CA SER A 119 9.32 39.82 -18.66
C SER A 119 9.61 38.33 -18.79
N ASP A 120 10.57 37.87 -18.00
CA ASP A 120 11.01 36.45 -18.09
C ASP A 120 9.87 35.45 -17.72
N ILE A 121 8.90 35.86 -16.91
CA ILE A 121 7.77 35.03 -16.54
C ILE A 121 6.79 34.61 -17.68
N LEU A 122 6.82 35.33 -18.79
CA LEU A 122 5.85 35.18 -19.89
C LEU A 122 5.86 33.83 -20.58
N TYR A 123 7.04 33.23 -20.78
CA TYR A 123 7.11 31.85 -21.31
C TYR A 123 6.26 30.89 -20.49
N LEU A 124 6.51 30.86 -19.19
CA LEU A 124 5.81 30.02 -18.22
C LEU A 124 4.29 30.30 -18.11
N SER A 125 3.91 31.57 -17.99
CA SER A 125 2.52 31.96 -17.86
C SER A 125 1.74 31.50 -19.11
N ARG A 126 2.33 31.68 -20.27
CA ARG A 126 1.73 31.23 -21.53
C ARG A 126 1.73 29.71 -21.68
N TRP A 127 2.76 29.04 -21.16
CA TRP A 127 2.89 27.59 -21.24
C TRP A 127 1.79 26.91 -20.42
N ILE A 128 1.58 27.42 -19.21
CA ILE A 128 0.56 26.92 -18.34
C ILE A 128 -0.85 27.21 -18.95
N SER A 129 -1.07 28.42 -19.46
CA SER A 129 -2.31 28.74 -20.19
C SER A 129 -2.61 27.72 -21.29
N GLN A 130 -1.58 27.31 -22.04
CA GLN A 130 -1.68 26.35 -23.14
C GLN A 130 -1.71 24.88 -22.69
N HIS A 131 -1.47 24.60 -21.39
CA HIS A 131 -1.36 23.19 -20.89
C HIS A 131 -2.14 23.00 -19.58
N PRO A 132 -3.46 23.33 -19.63
CA PRO A 132 -4.23 23.31 -18.38
C PRO A 132 -4.47 21.90 -17.77
N TRP A 133 -4.12 20.84 -18.49
CA TRP A 133 -4.19 19.50 -17.92
C TRP A 133 -2.88 19.03 -17.22
N LEU A 134 -1.83 19.87 -17.19
CA LEU A 134 -0.49 19.46 -16.78
C LEU A 134 -0.01 19.86 -15.39
N VAL A 135 -0.61 20.86 -14.78
CA VAL A 135 -0.04 21.47 -13.55
C VAL A 135 -0.80 21.01 -12.29
N PHE A 136 -0.06 20.40 -11.37
CA PHE A 136 -0.62 19.84 -10.16
C PHE A 136 -0.07 20.57 -8.93
N GLY A 137 -0.89 20.77 -7.92
CA GLY A 137 -0.40 21.20 -6.62
C GLY A 137 -0.17 20.01 -5.69
N TYR A 138 -0.51 20.16 -4.41
CA TYR A 138 -0.27 19.06 -3.45
C TYR A 138 -1.42 18.05 -3.31
N LEU A 139 -2.51 18.30 -4.01
CA LEU A 139 -3.60 17.37 -4.15
C LEU A 139 -3.73 17.03 -5.65
N ASN A 140 -4.82 17.39 -6.33
CA ASN A 140 -4.84 17.10 -7.78
C ASN A 140 -4.51 18.29 -8.70
N LEU A 141 -4.97 18.20 -9.95
CA LEU A 141 -4.84 19.22 -10.97
C LEU A 141 -5.24 20.59 -10.42
N ASP A 142 -4.36 21.55 -10.66
CA ASP A 142 -4.59 22.90 -10.24
C ASP A 142 -3.70 23.83 -11.08
N HIS A 143 -4.22 24.36 -12.20
CA HIS A 143 -3.45 25.28 -13.02
C HIS A 143 -3.25 26.68 -12.40
N ASP A 144 -3.86 26.91 -11.25
CA ASP A 144 -3.61 28.09 -10.40
C ASP A 144 -2.52 27.92 -9.29
N SER A 145 -1.93 26.72 -9.18
CA SER A 145 -1.05 26.40 -8.04
C SER A 145 0.34 27.06 -8.10
N ALA A 146 0.87 27.25 -9.31
CA ALA A 146 2.00 28.17 -9.62
C ALA A 146 1.56 29.64 -9.48
N ARG A 147 2.10 30.32 -8.47
CA ARG A 147 1.61 31.60 -7.97
C ARG A 147 2.69 32.69 -7.92
N CYS A 148 2.26 33.95 -8.06
CA CYS A 148 3.20 35.07 -8.07
C CYS A 148 3.63 35.39 -6.65
N SER A 149 4.93 35.58 -6.45
CA SER A 149 5.36 36.03 -5.12
C SER A 149 4.77 37.42 -4.83
N GLY A 150 4.47 37.67 -3.56
CA GLY A 150 3.83 38.94 -3.18
C GLY A 150 2.32 38.87 -3.32
N THR A 151 1.84 38.87 -4.57
CA THR A 151 0.40 38.92 -4.83
C THR A 151 -0.35 37.62 -4.56
N ASN A 152 0.32 36.48 -4.74
CA ASN A 152 -0.26 35.14 -4.66
C ASN A 152 -1.37 34.83 -5.69
N THR A 153 -1.30 35.50 -6.85
CA THR A 153 -2.22 35.32 -7.94
C THR A 153 -1.58 34.37 -8.98
N PRO A 154 -2.42 33.69 -9.79
CA PRO A 154 -1.82 32.69 -10.66
C PRO A 154 -0.89 33.26 -11.72
N VAL A 155 0.29 32.67 -11.81
CA VAL A 155 1.20 32.94 -12.90
C VAL A 155 0.53 32.87 -14.28
N ARG A 156 -0.34 31.86 -14.49
CA ARG A 156 -1.00 31.64 -15.78
C ARG A 156 -1.72 32.89 -16.35
N ALA A 157 -2.19 33.76 -15.44
CA ALA A 157 -2.97 34.95 -15.74
C ALA A 157 -2.14 36.17 -16.23
N VAL A 158 -0.83 36.18 -16.00
CA VAL A 158 0.05 37.30 -16.32
C VAL A 158 0.17 37.52 -17.83
N THR A 159 -0.08 38.76 -18.25
CA THR A 159 0.12 39.21 -19.65
C THR A 159 1.26 40.23 -19.76
N LYS A 160 1.77 40.43 -20.98
CA LYS A 160 2.80 41.45 -21.25
C LYS A 160 2.55 42.80 -20.55
N ALA A 161 1.34 43.35 -20.73
CA ALA A 161 0.87 44.58 -20.07
C ALA A 161 1.21 44.74 -18.57
N SER A 162 1.41 43.63 -17.88
CA SER A 162 1.69 43.70 -16.45
C SER A 162 3.21 43.65 -16.18
N THR A 163 3.98 43.25 -17.19
CA THR A 163 5.42 43.01 -17.06
C THR A 163 6.32 44.11 -17.68
N SER A 164 7.59 44.08 -17.31
CA SER A 164 8.62 44.94 -17.92
C SER A 164 9.94 44.19 -17.97
N PRO A 165 10.71 44.34 -19.06
CA PRO A 165 12.09 43.83 -19.03
C PRO A 165 12.92 44.51 -17.93
N SER A 166 12.54 45.73 -17.59
CA SER A 166 13.27 46.54 -16.62
C SER A 166 13.47 45.77 -15.31
N LYS A 167 12.56 44.85 -14.98
CA LYS A 167 12.51 44.17 -13.66
C LYS A 167 13.18 42.77 -13.63
N CYS A 168 13.77 42.37 -14.74
CA CYS A 168 14.50 41.12 -14.82
C CYS A 168 15.94 41.29 -14.32
N PRO A 169 16.59 40.18 -13.87
CA PRO A 169 17.93 40.27 -13.26
C PRO A 169 19.02 40.78 -14.24
N GLY A 170 20.12 41.31 -13.67
CA GLY A 170 21.30 41.68 -14.47
C GLY A 170 21.45 43.13 -14.93
N LYS B 1 -17.48 5.22 7.39
CA LYS B 1 -18.59 6.02 7.98
C LYS B 1 -18.90 7.21 7.06
N VAL B 2 -20.17 7.35 6.71
CA VAL B 2 -20.67 8.60 6.10
C VAL B 2 -21.28 9.46 7.24
N PHE B 3 -20.65 10.60 7.51
CA PHE B 3 -21.12 11.52 8.54
C PHE B 3 -22.34 12.29 8.06
N GLY B 4 -23.19 12.66 9.02
CA GLY B 4 -24.19 13.73 8.87
C GLY B 4 -23.42 15.04 8.96
N ARG B 5 -23.98 16.10 8.39
CA ARG B 5 -23.39 17.45 8.39
C ARG B 5 -23.13 17.97 9.80
N CYS B 6 -24.17 17.99 10.61
CA CYS B 6 -24.07 18.33 12.04
C CYS B 6 -23.05 17.49 12.81
N GLU B 7 -23.22 16.18 12.75
CA GLU B 7 -22.27 15.27 13.36
C GLU B 7 -20.83 15.54 12.90
N LEU B 8 -20.64 15.81 11.62
CA LEU B 8 -19.31 16.18 11.16
C LEU B 8 -18.78 17.52 11.73
N ALA B 9 -19.65 18.54 11.71
CA ALA B 9 -19.37 19.86 12.29
C ALA B 9 -18.90 19.78 13.74
N ALA B 10 -19.64 19.04 14.56
CA ALA B 10 -19.26 18.78 15.98
C ALA B 10 -17.87 18.12 16.12
N ALA B 11 -17.60 17.08 15.34
CA ALA B 11 -16.30 16.37 15.39
C ALA B 11 -15.11 17.26 15.00
N MET B 12 -15.29 18.10 13.98
CA MET B 12 -14.30 19.08 13.58
C MET B 12 -14.10 20.22 14.56
N LYS B 13 -15.13 20.57 15.34
CA LYS B 13 -14.99 21.61 16.34
C LYS B 13 -14.20 21.03 17.51
N ARG B 14 -14.52 19.79 17.84
CA ARG B 14 -13.86 19.03 18.86
C ARG B 14 -12.37 18.91 18.56
N HIS B 15 -12.00 18.67 17.30
CA HIS B 15 -10.56 18.56 16.94
C HIS B 15 -9.93 19.91 16.55
N GLY B 16 -10.54 21.00 16.99
CA GLY B 16 -9.96 22.34 16.88
C GLY B 16 -9.75 22.93 15.50
N LEU B 17 -10.65 22.65 14.54
CA LEU B 17 -10.50 23.26 13.20
C LEU B 17 -11.18 24.64 13.08
N ASP B 18 -12.09 24.95 14.00
CA ASP B 18 -12.73 26.26 14.04
C ASP B 18 -11.72 27.38 14.20
N ASN B 19 -11.59 28.18 13.14
CA ASN B 19 -10.68 29.30 13.03
C ASN B 19 -9.20 28.90 12.93
N TYR B 20 -8.94 27.67 12.51
CA TYR B 20 -7.56 27.22 12.30
C TYR B 20 -6.97 27.97 11.13
N ARG B 21 -5.98 28.79 11.44
CA ARG B 21 -5.35 29.72 10.47
C ARG B 21 -6.32 30.71 9.84
N GLY B 22 -7.35 31.06 10.61
CA GLY B 22 -8.29 32.10 10.27
C GLY B 22 -9.58 31.54 9.71
N TYR B 23 -9.52 30.27 9.31
CA TYR B 23 -10.64 29.56 8.68
C TYR B 23 -11.68 29.02 9.65
N SER B 24 -12.88 29.61 9.63
CA SER B 24 -13.94 29.22 10.51
C SER B 24 -14.55 27.87 10.13
N LEU B 25 -15.25 27.24 11.07
CA LEU B 25 -15.70 25.87 11.00
C LEU B 25 -16.41 25.40 9.72
N GLY B 26 -17.27 26.24 9.14
CA GLY B 26 -18.09 25.86 7.99
C GLY B 26 -17.24 25.62 6.77
N ASN B 27 -16.12 26.32 6.68
CA ASN B 27 -15.13 26.13 5.63
C ASN B 27 -14.69 24.67 5.50
N TRP B 28 -14.45 24.02 6.65
CA TRP B 28 -13.85 22.68 6.66
C TRP B 28 -14.92 21.64 6.33
N VAL B 29 -16.11 21.87 6.89
CA VAL B 29 -17.34 21.09 6.57
C VAL B 29 -17.69 21.20 5.08
N CYS B 30 -17.70 22.42 4.55
CA CYS B 30 -17.93 22.64 3.14
C CYS B 30 -16.90 21.95 2.25
N ALA B 31 -15.63 22.05 2.58
CA ALA B 31 -14.63 21.35 1.79
C ALA B 31 -14.83 19.81 1.75
N ALA B 32 -15.17 19.20 2.87
CA ALA B 32 -15.35 17.74 3.00
C ALA B 32 -16.53 17.23 2.16
N LYS B 33 -17.62 18.01 2.17
CA LYS B 33 -18.78 17.80 1.29
C LYS B 33 -18.35 17.61 -0.14
N PHE B 34 -17.53 18.51 -0.67
CA PHE B 34 -17.21 18.40 -2.11
C PHE B 34 -16.15 17.35 -2.43
N GLU B 35 -15.29 17.07 -1.47
CA GLU B 35 -14.22 16.12 -1.63
C GLU B 35 -14.76 14.69 -1.59
N SER B 36 -15.67 14.40 -0.66
CA SER B 36 -16.06 13.02 -0.31
C SER B 36 -17.55 12.80 0.06
N ASN B 37 -18.33 13.88 0.02
CA ASN B 37 -19.69 13.83 0.54
C ASN B 37 -19.77 13.29 1.99
N PHE B 38 -18.76 13.60 2.81
CA PHE B 38 -18.76 13.21 4.25
C PHE B 38 -18.46 11.71 4.50
N ASN B 39 -17.94 11.02 3.50
CA ASN B 39 -17.63 9.62 3.55
C ASN B 39 -16.12 9.47 3.88
N THR B 40 -15.81 8.91 5.05
CA THR B 40 -14.44 8.73 5.50
C THR B 40 -13.65 7.66 4.69
N GLN B 41 -14.38 6.71 4.11
CA GLN B 41 -13.79 5.61 3.29
C GLN B 41 -13.65 5.93 1.82
N ALA B 42 -13.99 7.17 1.42
CA ALA B 42 -13.83 7.62 0.04
C ALA B 42 -12.37 7.48 -0.41
N THR B 43 -12.18 7.03 -1.64
CA THR B 43 -10.91 6.60 -2.16
C THR B 43 -10.90 6.88 -3.65
N ASN B 44 -9.82 7.46 -4.17
CA ASN B 44 -9.70 7.78 -5.62
C ASN B 44 -8.29 7.50 -6.12
N ARG B 45 -8.19 6.60 -7.09
CA ARG B 45 -6.94 6.22 -7.71
C ARG B 45 -6.47 7.28 -8.72
N ASN B 46 -5.23 7.78 -8.61
CA ASN B 46 -4.80 8.78 -9.57
C ASN B 46 -3.90 8.21 -10.66
N THR B 47 -3.73 8.93 -11.76
CA THR B 47 -2.91 8.46 -12.86
C THR B 47 -1.40 8.51 -12.55
N ASP B 48 -1.01 9.29 -11.55
CA ASP B 48 0.42 9.38 -11.24
C ASP B 48 0.91 8.21 -10.38
N GLY B 49 0.01 7.29 -9.98
CA GLY B 49 0.32 6.16 -9.07
C GLY B 49 -0.15 6.40 -7.63
N SER B 50 -0.45 7.65 -7.28
CA SER B 50 -0.93 7.99 -5.96
C SER B 50 -2.42 7.71 -5.83
N THR B 51 -2.96 7.90 -4.63
CA THR B 51 -4.36 7.70 -4.41
C THR B 51 -4.77 8.74 -3.43
N ASP B 52 -6.01 9.21 -3.52
CA ASP B 52 -6.57 10.14 -2.52
C ASP B 52 -7.46 9.41 -1.48
N TYR B 53 -7.33 9.79 -0.19
CA TYR B 53 -7.95 9.08 0.94
C TYR B 53 -8.82 9.93 1.87
N GLY B 54 -10.02 9.47 2.15
CA GLY B 54 -10.77 10.06 3.25
C GLY B 54 -11.65 11.22 2.90
N ILE B 55 -12.21 11.81 3.95
CA ILE B 55 -13.18 12.88 3.86
C ILE B 55 -12.71 14.12 3.09
N LEU B 56 -11.39 14.31 3.00
CA LEU B 56 -10.76 15.47 2.36
C LEU B 56 -9.82 15.05 1.26
N GLN B 57 -9.95 13.78 0.90
CA GLN B 57 -9.24 13.23 -0.25
C GLN B 57 -7.77 13.60 -0.24
N ILE B 58 -7.10 13.32 0.89
CA ILE B 58 -5.67 13.54 1.07
C ILE B 58 -4.88 12.48 0.27
N ASN B 59 -3.85 12.98 -0.43
CA ASN B 59 -3.02 12.31 -1.42
C ASN B 59 -1.80 11.48 -0.86
N SER B 60 -1.53 10.33 -1.46
CA SER B 60 -0.42 9.46 -1.06
C SER B 60 0.95 9.75 -1.72
N ARG B 61 1.03 10.72 -2.63
CA ARG B 61 2.32 11.21 -3.14
C ARG B 61 2.94 12.08 -2.06
N TRP B 62 2.18 12.95 -1.44
CA TRP B 62 2.80 13.93 -0.58
C TRP B 62 2.65 13.68 0.91
N TRP B 63 1.49 13.16 1.34
CA TRP B 63 0.99 13.33 2.70
C TRP B 63 0.90 12.12 3.63
N CYS B 64 0.59 10.96 3.06
CA CYS B 64 0.33 9.76 3.84
C CYS B 64 1.00 8.61 3.10
N ASN B 65 1.18 7.48 3.76
CA ASN B 65 1.82 6.32 3.11
C ASN B 65 0.84 5.20 2.95
N ASP B 66 0.69 4.68 1.74
CA ASP B 66 -0.17 3.53 1.48
C ASP B 66 0.61 2.28 1.02
N GLY B 67 1.95 2.36 1.00
CA GLY B 67 2.80 1.26 0.51
C GLY B 67 2.75 0.90 -0.96
N ARG B 68 2.15 1.78 -1.75
CA ARG B 68 1.94 1.49 -3.20
C ARG B 68 2.11 2.75 -4.06
N THR B 69 2.62 3.81 -3.45
CA THR B 69 3.10 5.03 -4.15
C THR B 69 4.63 5.25 -3.98
N PRO B 70 5.40 4.86 -4.99
CA PRO B 70 6.86 5.11 -5.01
C PRO B 70 7.21 6.60 -5.05
N GLY B 71 8.30 6.95 -4.34
CA GLY B 71 8.77 8.35 -4.23
C GLY B 71 7.87 9.22 -3.37
N SER B 72 6.93 8.59 -2.66
CA SER B 72 6.06 9.32 -1.75
C SER B 72 6.82 9.82 -0.52
N ARG B 73 6.32 10.88 0.09
CA ARG B 73 7.06 11.68 1.04
C ARG B 73 6.49 11.56 2.47
N ASN B 74 5.26 11.11 2.57
CA ASN B 74 4.60 10.91 3.86
C ASN B 74 4.73 12.08 4.80
N LEU B 75 4.52 13.27 4.30
CA LEU B 75 4.72 14.48 5.06
C LEU B 75 3.87 14.56 6.34
N CYS B 76 2.79 13.80 6.40
CA CYS B 76 1.93 13.85 7.58
C CYS B 76 2.31 12.73 8.53
N ASN B 77 3.06 11.76 8.01
CA ASN B 77 3.50 10.61 8.81
C ASN B 77 2.37 9.75 9.37
N ILE B 78 1.39 9.39 8.55
CA ILE B 78 0.36 8.42 8.93
C ILE B 78 0.22 7.47 7.78
N PRO B 79 -0.25 6.25 8.06
CA PRO B 79 -0.65 5.36 7.01
C PRO B 79 -1.92 5.94 6.35
N CYS B 80 -2.07 5.72 5.05
CA CYS B 80 -3.24 6.23 4.34
C CYS B 80 -4.52 5.67 4.91
N SER B 81 -4.44 4.44 5.40
CA SER B 81 -5.59 3.75 6.00
C SER B 81 -6.10 4.37 7.27
N ALA B 82 -5.21 5.05 8.02
CA ALA B 82 -5.65 5.83 9.18
C ALA B 82 -6.62 6.97 8.75
N LEU B 83 -6.55 7.33 7.47
CA LEU B 83 -7.42 8.35 6.87
C LEU B 83 -8.79 7.82 6.40
N LEU B 84 -9.03 6.51 6.51
CA LEU B 84 -10.29 5.86 6.11
C LEU B 84 -11.11 5.49 7.33
N SER B 85 -10.49 5.65 8.51
CA SER B 85 -11.13 5.37 9.77
C SER B 85 -12.45 6.13 9.99
N SER B 86 -13.34 5.55 10.80
CA SER B 86 -14.58 6.24 11.23
C SER B 86 -14.30 7.43 12.18
N ASP B 87 -13.07 7.46 12.72
CA ASP B 87 -12.60 8.53 13.61
C ASP B 87 -11.76 9.46 12.74
N ILE B 88 -12.20 10.72 12.66
CA ILE B 88 -11.62 11.71 11.74
C ILE B 88 -10.30 12.38 12.20
N THR B 89 -9.81 12.02 13.40
CA THR B 89 -8.64 12.65 14.01
C THR B 89 -7.48 12.78 13.07
N ALA B 90 -7.09 11.67 12.47
CA ALA B 90 -5.95 11.63 11.58
C ALA B 90 -6.13 12.49 10.31
N SER B 91 -7.34 12.47 9.74
CA SER B 91 -7.69 13.35 8.64
C SER B 91 -7.57 14.82 8.98
N VAL B 92 -7.98 15.18 10.18
CA VAL B 92 -7.91 16.55 10.67
C VAL B 92 -6.47 16.95 10.83
N ASN B 93 -5.65 16.09 11.45
CA ASN B 93 -4.25 16.47 11.71
C ASN B 93 -3.53 16.61 10.42
N CYS B 94 -3.87 15.75 9.46
CA CYS B 94 -3.26 15.88 8.14
C CYS B 94 -3.74 17.13 7.37
N ALA B 95 -5.03 17.44 7.43
CA ALA B 95 -5.54 18.76 6.98
C ALA B 95 -4.82 20.00 7.65
N LYS B 96 -4.54 19.88 8.95
CA LYS B 96 -3.69 20.86 9.66
C LYS B 96 -2.26 21.02 9.15
N LYS B 97 -1.61 19.90 8.80
CA LYS B 97 -0.30 19.92 8.13
C LYS B 97 -0.34 20.61 6.75
N ILE B 98 -1.25 20.17 5.89
CA ILE B 98 -1.49 20.85 4.58
C ILE B 98 -1.74 22.37 4.68
N VAL B 99 -2.60 22.80 5.59
CA VAL B 99 -2.89 24.23 5.77
C VAL B 99 -1.81 24.90 6.62
N SER B 100 -0.80 25.41 5.92
CA SER B 100 0.45 25.96 6.48
C SER B 100 0.29 27.42 6.90
N ASP B 101 -0.38 28.20 6.04
CA ASP B 101 -0.67 29.64 6.26
C ASP B 101 -2.19 29.96 6.16
N GLY B 102 -2.53 31.24 6.21
CA GLY B 102 -3.92 31.68 6.10
C GLY B 102 -4.49 31.59 4.69
N ASN B 103 -3.67 31.19 3.73
CA ASN B 103 -4.19 30.87 2.41
C ASN B 103 -4.22 29.36 2.01
N GLY B 104 -3.89 28.48 2.96
CA GLY B 104 -3.60 27.09 2.68
C GLY B 104 -4.74 26.19 2.22
N MET B 105 -5.96 26.62 2.47
CA MET B 105 -7.15 25.90 1.97
C MET B 105 -7.36 26.08 0.49
N ASN B 106 -6.63 27.01 -0.16
CA ASN B 106 -6.63 27.10 -1.63
C ASN B 106 -6.24 25.78 -2.26
N ALA B 107 -5.76 24.85 -1.42
CA ALA B 107 -5.27 23.55 -1.89
C ALA B 107 -6.42 22.71 -2.49
N TRP B 108 -7.61 22.91 -1.93
CA TRP B 108 -8.84 22.23 -2.29
C TRP B 108 -9.55 23.16 -3.33
N VAL B 109 -9.32 22.85 -4.60
CA VAL B 109 -9.91 23.56 -5.71
C VAL B 109 -11.45 23.63 -5.61
N ALA B 110 -12.12 22.50 -5.36
CA ALA B 110 -13.57 22.51 -5.17
C ALA B 110 -13.99 23.41 -4.02
N TRP B 111 -13.31 23.39 -2.85
CA TRP B 111 -13.45 24.45 -1.82
C TRP B 111 -13.31 25.89 -2.36
N ARG B 112 -12.27 26.15 -3.14
CA ARG B 112 -11.92 27.49 -3.61
C ARG B 112 -13.04 28.04 -4.51
N ASN B 113 -13.66 27.11 -5.25
CA ASN B 113 -14.65 27.40 -6.25
C ASN B 113 -16.07 27.39 -5.71
N ARG B 114 -16.40 26.40 -4.88
CA ARG B 114 -17.79 26.15 -4.44
C ARG B 114 -18.09 26.67 -3.05
N CYS B 115 -17.05 27.08 -2.31
CA CYS B 115 -17.20 27.36 -0.88
C CYS B 115 -16.75 28.75 -0.45
N LYS B 116 -15.47 29.04 -0.66
CA LYS B 116 -14.89 30.36 -0.45
C LYS B 116 -15.80 31.38 -1.14
N GLY B 117 -16.01 32.54 -0.49
CA GLY B 117 -16.89 33.59 -1.05
C GLY B 117 -18.37 33.45 -0.66
N THR B 118 -18.78 32.26 -0.25
CA THR B 118 -20.14 32.09 0.19
C THR B 118 -20.22 32.28 1.71
N ASP B 119 -21.44 32.22 2.20
CA ASP B 119 -21.71 32.24 3.64
C ASP B 119 -21.54 30.81 4.19
N VAL B 120 -20.27 30.42 4.39
CA VAL B 120 -19.93 29.06 4.84
C VAL B 120 -20.47 28.68 6.22
N GLN B 121 -20.85 29.65 7.03
CA GLN B 121 -21.32 29.28 8.34
C GLN B 121 -22.70 28.60 8.36
N ALA B 122 -23.46 28.75 7.28
CA ALA B 122 -24.67 27.94 6.97
C ALA B 122 -24.43 26.42 7.15
N TRP B 123 -23.22 25.95 6.86
CA TRP B 123 -22.89 24.53 7.00
C TRP B 123 -22.79 24.05 8.44
N ILE B 124 -22.87 25.03 9.35
CA ILE B 124 -22.61 24.89 10.79
C ILE B 124 -23.90 25.19 11.56
N ARG B 125 -24.80 25.92 10.91
CA ARG B 125 -26.07 26.27 11.52
C ARG B 125 -27.09 25.15 11.48
N GLY B 126 -27.99 25.17 12.46
CA GLY B 126 -29.03 24.16 12.60
C GLY B 126 -28.64 23.00 13.48
N CYS B 127 -27.43 23.05 14.01
CA CYS B 127 -26.85 21.92 14.72
C CYS B 127 -27.00 22.10 16.22
N ALA C 2 -7.66 -7.56 30.23
CA ALA C 2 -7.74 -7.83 28.77
C ALA C 2 -6.57 -7.15 28.05
N CYS C 3 -6.59 -7.24 26.71
CA CYS C 3 -5.61 -6.54 25.91
C CYS C 3 -6.28 -5.36 25.21
N PRO C 4 -5.72 -4.15 25.37
CA PRO C 4 -6.37 -2.97 24.78
C PRO C 4 -6.49 -3.11 23.26
N SER C 5 -7.37 -2.33 22.65
CA SER C 5 -7.65 -2.43 21.21
C SER C 5 -6.39 -2.17 20.36
N GLN C 6 -6.02 -3.16 19.54
CA GLN C 6 -4.87 -3.10 18.61
C GLN C 6 -3.52 -3.39 19.27
N CYS C 7 -3.52 -3.60 20.59
CA CYS C 7 -2.28 -3.83 21.29
C CYS C 7 -1.96 -5.31 21.28
N SER C 8 -0.71 -5.64 21.59
CA SER C 8 -0.28 -7.00 21.85
C SER C 8 0.12 -7.17 23.30
N CYS C 9 -0.23 -8.29 23.89
CA CYS C 9 0.00 -8.55 25.32
C CYS C 9 0.65 -9.92 25.50
N SER C 10 1.60 -9.98 26.42
CA SER C 10 2.42 -11.17 26.68
C SER C 10 3.00 -10.97 28.09
N GLY C 11 2.74 -11.92 29.00
CA GLY C 11 3.06 -11.73 30.41
C GLY C 11 2.52 -10.39 30.91
N THR C 12 3.41 -9.59 31.50
CA THR C 12 3.09 -8.28 32.06
C THR C 12 3.46 -7.13 31.10
N THR C 13 3.77 -7.51 29.87
CA THR C 13 4.15 -6.57 28.82
C THR C 13 2.96 -6.20 27.91
N VAL C 14 2.75 -4.91 27.71
CA VAL C 14 1.71 -4.41 26.77
C VAL C 14 2.35 -3.59 25.63
N ASP C 15 2.35 -4.12 24.42
CA ASP C 15 2.89 -3.38 23.27
C ASP C 15 1.78 -2.76 22.39
N CYS C 16 1.69 -1.42 22.45
CA CYS C 16 0.75 -0.64 21.65
C CYS C 16 1.42 0.15 20.55
N SER C 17 2.67 -0.17 20.25
CA SER C 17 3.44 0.73 19.40
C SER C 17 3.09 0.59 17.89
N GLY C 18 3.37 1.63 17.12
CA GLY C 18 3.12 1.62 15.67
C GLY C 18 1.70 1.38 15.20
N LYS C 19 0.73 1.98 15.89
CA LYS C 19 -0.67 1.71 15.61
C LYS C 19 -1.53 2.95 15.35
N SER C 20 -0.85 4.05 15.02
CA SER C 20 -1.44 5.38 14.86
C SER C 20 -2.42 5.79 15.97
N LEU C 21 -2.20 5.33 17.19
CA LEU C 21 -3.02 5.74 18.31
C LEU C 21 -2.96 7.25 18.52
N ALA C 22 -4.12 7.85 18.78
CA ALA C 22 -4.24 9.27 19.04
C ALA C 22 -4.31 9.53 20.58
N SER C 23 -4.62 8.47 21.32
CA SER C 23 -4.71 8.58 22.77
C SER C 23 -4.17 7.31 23.34
N VAL C 24 -3.78 7.38 24.61
CA VAL C 24 -3.38 6.19 25.36
C VAL C 24 -4.57 5.23 25.51
N PRO C 25 -4.42 3.98 25.02
CA PRO C 25 -5.49 3.01 25.08
C PRO C 25 -6.16 2.85 26.45
N THR C 26 -7.41 2.43 26.38
CA THR C 26 -8.28 2.16 27.49
C THR C 26 -8.00 0.72 27.98
N GLY C 27 -8.10 0.43 29.27
CA GLY C 27 -7.95 -0.95 29.72
C GLY C 27 -6.57 -1.65 29.65
N ILE C 28 -5.50 -0.87 29.88
CA ILE C 28 -4.18 -1.45 30.23
C ILE C 28 -4.25 -1.99 31.67
N PRO C 29 -4.14 -3.32 31.85
CA PRO C 29 -4.16 -3.89 33.22
C PRO C 29 -3.17 -3.21 34.19
N THR C 30 -3.64 -3.01 35.43
CA THR C 30 -2.86 -2.33 36.47
C THR C 30 -1.64 -3.15 36.91
N THR C 31 -1.49 -4.35 36.32
CA THR C 31 -0.36 -5.26 36.63
C THR C 31 0.77 -5.22 35.57
N THR C 32 0.58 -4.41 34.56
CA THR C 32 1.58 -4.16 33.54
C THR C 32 2.93 -3.63 34.12
N GLN C 33 4.02 -4.19 33.59
CA GLN C 33 5.39 -3.79 33.96
C GLN C 33 6.03 -3.03 32.84
N VAL C 34 5.71 -3.45 31.61
CA VAL C 34 6.22 -2.83 30.40
C VAL C 34 5.09 -2.33 29.47
N LEU C 35 5.12 -1.04 29.17
CA LEU C 35 4.15 -0.35 28.34
C LEU C 35 4.90 0.36 27.20
N TYR C 36 4.73 -0.16 25.98
CA TYR C 36 5.20 0.49 24.76
C TYR C 36 4.08 1.27 24.08
N LEU C 37 4.32 2.56 23.88
CA LEU C 37 3.34 3.42 23.24
C LEU C 37 4.03 4.25 22.22
N TYR C 38 5.22 3.82 21.81
CA TYR C 38 6.08 4.65 20.94
C TYR C 38 5.58 4.60 19.50
N ASP C 39 6.00 5.53 18.66
CA ASP C 39 5.64 5.53 17.26
C ASP C 39 4.11 5.42 17.02
N ASN C 40 3.38 6.30 17.70
CA ASN C 40 1.94 6.51 17.48
C ASN C 40 1.66 7.99 17.17
N ARG C 41 0.43 8.47 17.43
CA ARG C 41 0.04 9.86 17.17
C ARG C 41 -0.52 10.54 18.39
N ILE C 42 -0.01 10.15 19.56
CA ILE C 42 -0.46 10.71 20.83
C ILE C 42 0.08 12.15 20.98
N THR C 43 -0.84 13.07 21.25
CA THR C 43 -0.53 14.49 21.26
C THR C 43 -0.71 15.03 22.66
N LYS C 44 -1.30 14.22 23.54
CA LYS C 44 -1.55 14.58 24.93
C LYS C 44 -1.86 13.41 25.83
N LEU C 45 -1.34 13.50 27.06
CA LEU C 45 -1.68 12.56 28.11
C LEU C 45 -2.69 13.18 29.08
N GLU C 46 -3.67 12.39 29.47
CA GLU C 46 -4.63 12.82 30.47
C GLU C 46 -3.98 12.85 31.84
N PRO C 47 -4.37 13.84 32.68
CA PRO C 47 -3.91 13.82 34.08
C PRO C 47 -4.24 12.46 34.71
N GLY C 48 -3.28 11.91 35.46
CA GLY C 48 -3.49 10.65 36.15
C GLY C 48 -3.60 9.44 35.25
N VAL C 49 -3.34 9.61 33.94
CA VAL C 49 -3.36 8.46 33.00
C VAL C 49 -2.55 7.26 33.55
N PHE C 50 -1.39 7.53 34.16
CA PHE C 50 -0.51 6.46 34.72
C PHE C 50 -0.62 6.16 36.25
N ASP C 51 -1.41 6.95 37.00
CA ASP C 51 -1.51 6.81 38.48
C ASP C 51 -1.79 5.40 38.98
N ARG C 52 -2.43 4.63 38.12
CA ARG C 52 -2.90 3.28 38.42
C ARG C 52 -1.89 2.24 37.92
N LEU C 53 -0.86 2.68 37.19
CA LEU C 53 0.08 1.73 36.61
C LEU C 53 1.38 1.66 37.42
N THR C 54 1.21 1.33 38.70
CA THR C 54 2.29 1.45 39.69
C THR C 54 3.39 0.37 39.62
N GLN C 55 3.12 -0.77 39.01
CA GLN C 55 4.16 -1.77 38.78
C GLN C 55 5.10 -1.52 37.55
N LEU C 56 4.87 -0.43 36.80
CA LEU C 56 5.66 -0.14 35.59
C LEU C 56 7.14 0.08 35.85
N THR C 57 7.99 -0.66 35.11
CA THR C 57 9.48 -0.51 35.15
C THR C 57 10.03 0.11 33.86
N ARG C 58 9.28 -0.09 32.79
CA ARG C 58 9.62 0.50 31.50
C ARG C 58 8.41 1.13 30.85
N LEU C 59 8.59 2.36 30.40
CA LEU C 59 7.56 3.11 29.68
C LEU C 59 8.15 3.82 28.44
N ASP C 60 7.68 3.41 27.25
CA ASP C 60 8.09 4.05 25.98
C ASP C 60 7.00 5.00 25.46
N LEU C 61 7.31 6.30 25.41
CA LEU C 61 6.43 7.35 24.91
C LEU C 61 7.05 8.14 23.78
N ASP C 62 8.15 7.62 23.26
CA ASP C 62 8.91 8.29 22.22
C ASP C 62 8.25 8.19 20.84
N ASN C 63 8.62 9.12 19.97
CA ASN C 63 8.09 9.15 18.61
C ASN C 63 6.57 9.31 18.60
N ASN C 64 6.09 10.26 19.41
CA ASN C 64 4.71 10.76 19.33
C ASN C 64 4.73 12.28 19.04
N GLN C 65 3.67 13.00 19.41
CA GLN C 65 3.64 14.47 19.18
C GLN C 65 3.23 15.19 20.47
N LEU C 66 3.83 14.80 21.60
CA LEU C 66 3.52 15.45 22.85
C LEU C 66 4.14 16.80 22.80
N THR C 67 3.39 17.80 23.25
CA THR C 67 3.85 19.18 23.26
C THR C 67 4.08 19.58 24.70
N VAL C 68 3.42 18.90 25.61
CA VAL C 68 3.47 19.25 26.99
C VAL C 68 3.13 18.02 27.84
N LEU C 69 3.68 17.98 29.05
CA LEU C 69 3.35 16.93 30.01
C LEU C 69 2.49 17.49 31.11
N PRO C 70 1.43 16.75 31.49
CA PRO C 70 0.75 17.26 32.70
C PRO C 70 1.62 17.09 33.95
N ALA C 71 1.48 18.04 34.86
CA ALA C 71 2.04 17.99 36.21
C ALA C 71 1.60 16.69 36.88
N GLY C 72 2.57 16.00 37.50
CA GLY C 72 2.33 14.79 38.29
C GLY C 72 2.17 13.47 37.54
N VAL C 73 2.31 13.51 36.21
CA VAL C 73 1.99 12.33 35.42
C VAL C 73 2.88 11.07 35.76
N PHE C 74 4.08 11.31 36.28
CA PHE C 74 5.05 10.25 36.60
C PHE C 74 5.15 9.93 38.10
N ASP C 75 4.38 10.64 38.92
CA ASP C 75 4.50 10.62 40.41
C ASP C 75 4.29 9.30 41.15
N LYS C 76 3.59 8.38 40.50
CA LYS C 76 3.21 7.11 41.11
C LYS C 76 4.13 5.93 40.70
N LEU C 77 5.05 6.18 39.77
CA LEU C 77 5.82 5.13 39.09
C LEU C 77 7.23 4.93 39.75
N THR C 78 7.22 4.52 41.03
CA THR C 78 8.43 4.48 41.87
C THR C 78 9.30 3.26 41.53
N GLN C 79 8.74 2.35 40.72
CA GLN C 79 9.47 1.20 40.17
C GLN C 79 10.03 1.41 38.75
N LEU C 80 9.81 2.60 38.20
CA LEU C 80 10.22 2.89 36.81
C LEU C 80 11.75 3.02 36.71
N THR C 81 12.35 2.14 35.91
CA THR C 81 13.79 2.17 35.60
C THR C 81 14.13 2.85 34.24
N GLN C 82 13.25 2.71 33.25
CA GLN C 82 13.50 3.24 31.90
C GLN C 82 12.32 4.03 31.38
N LEU C 83 12.58 5.26 30.97
CA LEU C 83 11.56 6.17 30.47
C LEU C 83 12.09 6.80 29.17
N SER C 84 11.42 6.56 28.05
CA SER C 84 11.77 7.23 26.80
C SER C 84 10.75 8.37 26.45
N LEU C 85 11.32 9.55 26.18
CA LEU C 85 10.58 10.78 25.79
C LEU C 85 11.12 11.42 24.52
N ASN C 86 12.10 10.76 23.91
CA ASN C 86 12.73 11.26 22.70
C ASN C 86 11.71 11.41 21.52
N ASP C 87 12.02 12.28 20.54
CA ASP C 87 11.23 12.48 19.30
C ASP C 87 9.75 12.80 19.56
N ASN C 88 9.56 13.75 20.46
CA ASN C 88 8.28 14.37 20.67
C ASN C 88 8.44 15.86 20.33
N GLN C 89 7.56 16.73 20.82
CA GLN C 89 7.69 18.15 20.55
C GLN C 89 7.71 18.96 21.84
N LEU C 90 8.33 18.42 22.89
CA LEU C 90 8.28 19.01 24.23
C LEU C 90 9.20 20.20 24.28
N LYS C 91 8.72 21.28 24.88
CA LYS C 91 9.47 22.52 25.06
C LYS C 91 10.20 22.62 26.43
N SER C 92 9.68 21.93 27.42
CA SER C 92 10.28 21.90 28.76
C SER C 92 9.62 20.79 29.52
N ILE C 93 9.99 20.65 30.79
CA ILE C 93 9.49 19.61 31.68
C ILE C 93 8.93 20.28 32.93
N PRO C 94 7.68 19.96 33.33
CA PRO C 94 7.07 20.52 34.56
C PRO C 94 7.91 20.27 35.82
N ARG C 95 7.90 21.26 36.72
CA ARG C 95 8.75 21.25 37.90
C ARG C 95 8.49 19.98 38.70
N GLY C 96 9.58 19.25 38.98
CA GLY C 96 9.51 18.08 39.83
C GLY C 96 8.86 16.82 39.24
N ALA C 97 8.70 16.77 37.92
CA ALA C 97 8.06 15.61 37.27
C ALA C 97 8.78 14.31 37.59
N PHE C 98 10.11 14.35 37.55
CA PHE C 98 10.96 13.19 37.79
C PHE C 98 11.25 12.90 39.28
N ASP C 99 10.84 13.81 40.17
CA ASP C 99 11.20 13.73 41.61
C ASP C 99 10.98 12.38 42.29
N ASN C 100 9.80 11.79 42.09
CA ASN C 100 9.40 10.50 42.67
C ASN C 100 9.99 9.27 41.95
N LEU C 101 10.73 9.49 40.87
CA LEU C 101 11.31 8.40 40.10
C LEU C 101 12.61 7.82 40.71
N ARG C 102 12.52 7.29 41.93
CA ARG C 102 13.72 6.83 42.65
C ARG C 102 14.38 5.55 42.11
N SER C 103 13.68 4.81 41.24
CA SER C 103 14.27 3.62 40.62
C SER C 103 14.87 3.92 39.27
N LEU C 104 14.81 5.18 38.84
CA LEU C 104 15.21 5.52 37.46
C LEU C 104 16.70 5.22 37.21
N THR C 105 17.00 4.50 36.13
CA THR C 105 18.39 4.33 35.68
C THR C 105 18.65 4.85 34.26
N HIS C 106 17.60 4.86 33.42
CA HIS C 106 17.72 5.37 32.04
C HIS C 106 16.53 6.27 31.69
N ILE C 107 16.85 7.45 31.16
CA ILE C 107 15.88 8.31 30.51
C ILE C 107 16.41 8.77 29.14
N TRP C 108 15.49 8.88 28.17
CA TRP C 108 15.80 9.37 26.82
C TRP C 108 15.01 10.64 26.55
N LEU C 109 15.72 11.65 26.08
CA LEU C 109 15.21 13.04 26.07
C LEU C 109 15.38 13.75 24.73
N LEU C 110 16.34 13.28 23.95
CA LEU C 110 16.74 13.91 22.71
C LEU C 110 15.65 14.02 21.62
N ASN C 111 15.98 14.83 20.62
CA ASN C 111 15.11 15.24 19.54
C ASN C 111 13.79 15.71 20.11
N ASN C 112 13.89 16.58 21.11
CA ASN C 112 12.81 17.46 21.49
C ASN C 112 13.29 18.91 21.25
N PRO C 113 12.37 19.80 20.82
CA PRO C 113 12.73 21.23 20.68
C PRO C 113 12.76 21.96 22.04
N TRP C 114 13.63 21.52 22.94
CA TRP C 114 13.76 22.13 24.25
C TRP C 114 14.00 23.64 24.15
N ASP C 115 13.11 24.39 24.80
CA ASP C 115 13.07 25.84 24.63
C ASP C 115 13.96 26.53 25.67
N CYS C 116 15.18 26.89 25.27
CA CYS C 116 16.18 27.33 26.22
C CYS C 116 16.15 28.81 26.62
N ALA C 117 15.48 29.65 25.82
CA ALA C 117 15.33 31.07 26.17
C ALA C 117 14.30 31.32 27.29
N CYS C 118 13.48 30.31 27.57
CA CYS C 118 12.43 30.43 28.57
C CYS C 118 12.73 29.69 29.88
N SER C 119 12.46 30.40 30.98
CA SER C 119 12.69 29.98 32.35
C SER C 119 12.04 28.65 32.76
N ASP C 120 11.07 28.17 31.99
CA ASP C 120 10.50 26.82 32.22
C ASP C 120 11.53 25.68 32.04
N ILE C 121 12.52 25.88 31.17
CA ILE C 121 13.61 24.93 30.98
C ILE C 121 14.47 24.63 32.24
N LEU C 122 14.49 25.56 33.20
CA LEU C 122 15.35 25.49 34.41
C LEU C 122 15.25 24.23 35.27
N TYR C 123 14.06 23.69 35.49
CA TYR C 123 13.96 22.39 36.15
C TYR C 123 14.76 21.25 35.45
N LEU C 124 14.66 21.16 34.13
CA LEU C 124 15.24 20.07 33.36
C LEU C 124 16.73 20.27 33.23
N SER C 125 17.10 21.49 32.89
CA SER C 125 18.49 21.97 32.96
C SER C 125 19.18 21.59 34.30
N ARG C 126 18.55 21.89 35.42
CA ARG C 126 19.07 21.50 36.75
C ARG C 126 19.07 19.97 36.98
N TRP C 127 17.97 19.30 36.63
CA TRP C 127 17.82 17.89 36.84
C TRP C 127 18.89 17.06 36.11
N ILE C 128 19.26 17.48 34.90
CA ILE C 128 20.22 16.74 34.11
C ILE C 128 21.58 16.89 34.74
N SER C 129 21.92 18.15 35.06
CA SER C 129 23.16 18.53 35.73
C SER C 129 23.37 17.71 37.02
N GLN C 130 22.31 17.45 37.76
CA GLN C 130 22.39 16.62 38.96
C GLN C 130 22.43 15.09 38.72
N HIS C 131 22.14 14.65 37.50
CA HIS C 131 21.93 13.23 37.25
C HIS C 131 22.66 12.85 35.97
N PRO C 132 24.01 13.06 35.91
CA PRO C 132 24.71 12.77 34.68
C PRO C 132 24.88 11.27 34.31
N TRP C 133 24.40 10.34 35.12
CA TRP C 133 24.46 8.93 34.76
C TRP C 133 23.10 8.44 34.21
N LEU C 134 22.14 9.37 33.99
CA LEU C 134 20.80 8.93 33.69
C LEU C 134 20.34 9.16 32.26
N VAL C 135 21.02 10.06 31.54
CA VAL C 135 20.55 10.56 30.25
C VAL C 135 21.24 9.82 29.09
N PHE C 136 20.47 9.07 28.32
CA PHE C 136 21.04 8.29 27.20
C PHE C 136 20.59 8.89 25.85
N GLY C 137 21.43 8.74 24.83
CA GLY C 137 21.05 9.07 23.48
C GLY C 137 20.74 7.79 22.74
N TYR C 138 20.96 7.79 21.42
CA TYR C 138 20.71 6.61 20.59
C TYR C 138 21.76 5.52 20.71
N LEU C 139 22.86 5.83 21.39
CA LEU C 139 23.88 4.80 21.67
C LEU C 139 23.99 4.62 23.19
N ASN C 140 25.11 5.05 23.76
CA ASN C 140 25.26 4.95 25.20
C ASN C 140 24.98 6.26 25.94
N LEU C 141 25.54 6.38 27.14
CA LEU C 141 25.34 7.55 28.00
C LEU C 141 25.82 8.79 27.25
N ASP C 142 25.01 9.86 27.31
CA ASP C 142 25.35 11.20 26.73
C ASP C 142 24.43 12.28 27.36
N HIS C 143 24.87 12.87 28.49
CA HIS C 143 24.18 14.01 29.12
C HIS C 143 24.10 15.29 28.28
N ASP C 144 24.81 15.37 27.15
CA ASP C 144 24.65 16.47 26.19
C ASP C 144 23.48 16.24 25.20
N SER C 145 22.85 15.07 25.22
CA SER C 145 21.89 14.74 24.15
C SER C 145 20.58 15.55 24.16
N ALA C 146 20.22 16.15 25.28
CA ALA C 146 19.09 17.09 25.27
C ALA C 146 19.66 18.46 24.90
N ARG C 147 19.24 18.96 23.73
CA ARG C 147 19.77 20.17 23.13
C ARG C 147 18.71 21.27 22.98
N CYS C 148 19.13 22.51 23.19
CA CYS C 148 18.32 23.73 22.89
C CYS C 148 18.02 23.80 21.38
N SER C 149 16.74 23.98 21.00
CA SER C 149 16.42 24.17 19.55
C SER C 149 17.15 25.37 18.91
N GLY C 150 17.51 25.22 17.64
CA GLY C 150 18.31 26.19 16.92
C GLY C 150 19.83 26.29 17.23
N THR C 151 20.32 25.49 18.20
CA THR C 151 21.68 25.72 18.75
C THR C 151 22.78 24.65 18.58
N ASN C 152 22.56 23.45 19.11
CA ASN C 152 23.64 22.47 19.42
C ASN C 152 24.28 22.64 20.80
N THR C 153 23.67 23.43 21.67
CA THR C 153 24.12 23.50 23.04
C THR C 153 23.20 22.70 23.96
N PRO C 154 23.79 21.99 24.93
CA PRO C 154 23.07 21.17 25.90
C PRO C 154 22.16 21.95 26.83
N VAL C 155 21.00 21.38 27.12
CA VAL C 155 20.07 21.93 28.09
C VAL C 155 20.70 22.06 29.47
N ARG C 156 21.35 21.00 29.93
CA ARG C 156 22.12 21.01 31.17
C ARG C 156 23.02 22.29 31.38
N ALA C 157 23.54 22.85 30.30
CA ALA C 157 24.43 24.03 30.34
C ALA C 157 23.68 25.39 30.38
N VAL C 158 22.39 25.37 30.68
CA VAL C 158 21.57 26.56 30.70
C VAL C 158 21.63 27.17 32.10
N THR C 159 21.98 28.45 32.16
CA THR C 159 22.03 29.24 33.39
C THR C 159 20.78 30.12 33.57
N LYS C 160 20.54 30.57 34.80
CA LYS C 160 19.33 31.34 35.15
C LYS C 160 19.23 32.68 34.44
N ALA C 161 20.36 33.40 34.41
CA ALA C 161 20.45 34.71 33.75
C ALA C 161 20.06 34.64 32.27
N SER C 162 20.56 33.60 31.59
CA SER C 162 20.34 33.43 30.14
C SER C 162 18.87 33.20 29.77
N THR C 163 18.02 33.03 30.77
CA THR C 163 16.60 32.77 30.54
C THR C 163 15.73 33.96 30.97
N SER C 164 14.56 34.05 30.34
CA SER C 164 13.68 35.14 30.55
C SER C 164 12.30 34.58 30.86
N PRO C 165 11.60 35.16 31.85
CA PRO C 165 10.23 34.73 32.13
C PRO C 165 9.23 35.16 31.04
N SER C 166 9.63 36.09 30.16
CA SER C 166 8.72 36.60 29.12
C SER C 166 8.41 35.63 27.96
N LYS C 167 9.40 34.84 27.54
CA LYS C 167 9.30 33.98 26.34
C LYS C 167 8.49 32.68 26.52
N CYS C 168 7.94 32.50 27.71
CA CYS C 168 7.23 31.29 28.06
C CYS C 168 5.79 31.25 27.51
N LYS D 1 37.08 -9.62 12.83
CA LYS D 1 38.29 -9.17 12.05
C LYS D 1 38.78 -7.83 12.59
N VAL D 2 40.09 -7.72 12.80
CA VAL D 2 40.72 -6.46 13.20
C VAL D 2 41.34 -5.88 11.92
N PHE D 3 40.76 -4.77 11.46
CA PHE D 3 41.22 -4.12 10.25
C PHE D 3 42.46 -3.29 10.55
N GLY D 4 43.31 -3.14 9.55
CA GLY D 4 44.30 -2.06 9.61
C GLY D 4 43.66 -0.75 9.27
N ARG D 5 44.31 0.36 9.66
CA ARG D 5 43.78 1.72 9.46
C ARG D 5 43.45 2.00 7.99
N CYS D 6 44.46 1.81 7.14
CA CYS D 6 44.38 2.02 5.69
C CYS D 6 43.35 1.10 5.01
N GLU D 7 43.31 -0.14 5.49
CA GLU D 7 42.43 -1.17 4.98
C GLU D 7 40.96 -0.80 5.28
N LEU D 8 40.73 -0.30 6.50
CA LEU D 8 39.42 0.14 6.91
C LEU D 8 39.02 1.35 6.09
N ALA D 9 39.92 2.34 6.00
CA ALA D 9 39.72 3.52 5.17
C ALA D 9 39.31 3.16 3.73
N ALA D 10 40.02 2.24 3.11
CA ALA D 10 39.74 1.83 1.75
C ALA D 10 38.37 1.16 1.64
N ALA D 11 38.01 0.35 2.64
CA ALA D 11 36.74 -0.37 2.64
C ALA D 11 35.56 0.58 2.85
N MET D 12 35.76 1.57 3.72
CA MET D 12 34.72 2.55 4.07
C MET D 12 34.42 3.46 2.87
N LYS D 13 35.46 3.69 2.08
CA LYS D 13 35.36 4.50 0.86
C LYS D 13 34.60 3.75 -0.23
N ARG D 14 34.90 2.47 -0.40
CA ARG D 14 34.23 1.71 -1.42
C ARG D 14 32.75 1.48 -1.07
N HIS D 15 32.36 1.75 0.18
CA HIS D 15 30.97 1.66 0.64
C HIS D 15 30.34 3.03 0.82
N GLY D 16 30.96 4.03 0.20
CA GLY D 16 30.40 5.37 0.06
C GLY D 16 30.34 6.30 1.27
N LEU D 17 31.24 6.13 2.25
CA LEU D 17 31.18 7.02 3.45
C LEU D 17 31.95 8.36 3.35
N ASP D 18 32.87 8.43 2.39
CA ASP D 18 33.57 9.67 2.06
C ASP D 18 32.61 10.75 1.58
N ASN D 19 32.43 11.77 2.42
CA ASN D 19 31.60 12.93 2.10
C ASN D 19 30.12 12.67 2.39
N TYR D 20 29.81 11.48 2.92
CA TYR D 20 28.47 11.11 3.27
C TYR D 20 27.96 12.16 4.20
N ARG D 21 26.85 12.78 3.79
CA ARG D 21 26.28 13.97 4.40
C ARG D 21 27.29 15.04 4.82
N GLY D 22 28.39 15.15 4.06
CA GLY D 22 29.39 16.17 4.34
C GLY D 22 30.57 15.74 5.22
N TYR D 23 30.61 14.46 5.62
CA TYR D 23 31.66 13.97 6.54
C TYR D 23 32.69 13.24 5.75
N SER D 24 33.89 13.80 5.75
CA SER D 24 35.00 13.22 4.98
C SER D 24 35.42 11.93 5.66
N LEU D 25 36.07 11.08 4.88
CA LEU D 25 36.37 9.71 5.23
C LEU D 25 37.02 9.57 6.62
N GLY D 26 37.97 10.46 6.93
CA GLY D 26 38.77 10.42 8.17
C GLY D 26 37.91 10.42 9.40
N ASN D 27 36.79 11.12 9.31
CA ASN D 27 35.84 11.17 10.41
C ASN D 27 35.35 9.78 10.82
N TRP D 28 35.11 8.91 9.84
CA TRP D 28 34.52 7.57 10.04
C TRP D 28 35.58 6.60 10.55
N VAL D 29 36.76 6.63 9.95
CA VAL D 29 37.96 5.92 10.48
C VAL D 29 38.30 6.32 11.93
N CYS D 30 38.39 7.61 12.20
CA CYS D 30 38.65 8.09 13.56
C CYS D 30 37.57 7.60 14.55
N ALA D 31 36.31 7.61 14.09
CA ALA D 31 35.18 7.14 14.88
C ALA D 31 35.27 5.63 15.26
N ALA D 32 35.60 4.78 14.30
CA ALA D 32 35.73 3.33 14.53
C ALA D 32 36.89 2.98 15.48
N LYS D 33 37.91 3.82 15.43
CA LYS D 33 39.10 3.65 16.20
C LYS D 33 38.72 3.76 17.68
N PHE D 34 37.96 4.77 18.03
CA PHE D 34 37.72 4.90 19.46
C PHE D 34 36.55 4.06 19.94
N GLU D 35 35.75 3.54 19.01
CA GLU D 35 34.59 2.73 19.40
C GLU D 35 35.01 1.29 19.64
N SER D 36 35.87 0.77 18.76
CA SER D 36 36.17 -0.65 18.71
C SER D 36 37.66 -0.95 18.41
N ASN D 37 38.47 0.07 18.17
CA ASN D 37 39.87 -0.13 17.74
C ASN D 37 40.03 -0.96 16.45
N PHE D 38 39.08 -0.78 15.51
CA PHE D 38 39.05 -1.48 14.22
C PHE D 38 38.60 -2.95 14.27
N ASN D 39 38.06 -3.37 15.39
CA ASN D 39 37.63 -4.76 15.60
C ASN D 39 36.12 -4.94 15.34
N THR D 40 35.81 -5.64 14.26
CA THR D 40 34.42 -5.89 13.81
C THR D 40 33.65 -6.74 14.81
N GLN D 41 34.36 -7.48 15.66
CA GLN D 41 33.74 -8.39 16.64
C GLN D 41 33.64 -7.80 18.06
N ALA D 42 33.97 -6.54 18.24
CA ALA D 42 33.79 -5.91 19.54
C ALA D 42 32.30 -5.86 19.91
N THR D 43 32.04 -6.04 21.18
CA THR D 43 30.72 -6.28 21.75
C THR D 43 30.78 -5.69 23.15
N ASN D 44 29.71 -5.09 23.64
CA ASN D 44 29.68 -4.53 24.96
C ASN D 44 28.28 -4.63 25.43
N ARG D 45 28.08 -5.32 26.57
CA ARG D 45 26.82 -5.48 27.23
C ARG D 45 26.47 -4.23 27.99
N ASN D 46 25.26 -3.71 27.81
CA ASN D 46 24.82 -2.47 28.49
C ASN D 46 23.89 -2.79 29.63
N THR D 47 23.73 -1.87 30.56
CA THR D 47 22.89 -2.13 31.73
C THR D 47 21.42 -2.14 31.38
N ASP D 48 21.01 -1.48 30.31
CA ASP D 48 19.58 -1.54 29.94
C ASP D 48 19.14 -2.90 29.34
N GLY D 49 20.09 -3.82 29.16
CA GLY D 49 19.82 -5.13 28.57
C GLY D 49 20.20 -5.22 27.11
N SER D 50 20.54 -4.07 26.53
CA SER D 50 20.99 -3.99 25.17
C SER D 50 22.49 -4.29 25.05
N THR D 51 22.95 -4.54 23.83
CA THR D 51 24.38 -4.73 23.56
C THR D 51 24.79 -3.84 22.39
N ASP D 52 26.02 -3.31 22.43
CA ASP D 52 26.68 -2.63 21.28
C ASP D 52 27.48 -3.59 20.42
N TYR D 53 27.51 -3.40 19.10
CA TYR D 53 28.09 -4.36 18.17
C TYR D 53 28.93 -3.67 17.06
N GLY D 54 30.08 -4.25 16.81
CA GLY D 54 30.87 -3.99 15.64
C GLY D 54 31.80 -2.79 15.77
N ILE D 55 32.42 -2.47 14.63
CA ILE D 55 33.35 -1.34 14.50
C ILE D 55 32.86 -0.02 15.06
N LEU D 56 31.54 0.21 15.10
CA LEU D 56 31.02 1.51 15.50
C LEU D 56 30.14 1.43 16.69
N GLN D 57 30.13 0.24 17.28
CA GLN D 57 29.42 -0.06 18.50
C GLN D 57 27.93 0.33 18.44
N ILE D 58 27.24 -0.29 17.48
CA ILE D 58 25.84 -0.02 17.21
C ILE D 58 24.97 -0.89 18.14
N ASN D 59 24.09 -0.20 18.84
CA ASN D 59 23.28 -0.70 19.91
C ASN D 59 22.00 -1.51 19.43
N SER D 60 21.65 -2.56 20.17
CA SER D 60 20.51 -3.39 19.84
C SER D 60 19.17 -2.86 20.37
N ARG D 61 19.17 -1.73 21.04
CA ARG D 61 17.92 -1.15 21.48
C ARG D 61 17.23 -0.43 20.30
N TRP D 62 17.97 0.41 19.59
CA TRP D 62 17.39 1.21 18.51
C TRP D 62 17.58 0.60 17.15
N TRP D 63 18.76 0.01 16.92
CA TRP D 63 19.24 -0.16 15.54
C TRP D 63 19.22 -1.54 14.91
N CYS D 64 19.53 -2.55 15.69
CA CYS D 64 19.58 -3.88 15.17
C CYS D 64 18.95 -4.80 16.19
N ASN D 65 18.67 -6.01 15.75
CA ASN D 65 17.99 -7.00 16.56
C ASN D 65 18.94 -8.13 16.84
N ASP D 66 19.13 -8.43 18.12
CA ASP D 66 19.98 -9.53 18.53
C ASP D 66 19.23 -10.70 19.15
N GLY D 67 17.89 -10.64 19.10
CA GLY D 67 17.03 -11.66 19.70
C GLY D 67 17.10 -11.75 21.22
N ARG D 68 17.80 -10.82 21.87
CA ARG D 68 17.91 -10.83 23.34
C ARG D 68 17.70 -9.45 23.94
N THR D 69 17.00 -8.58 23.21
CA THR D 69 16.74 -7.21 23.69
C THR D 69 15.25 -6.85 23.67
N PRO D 70 14.52 -7.10 24.77
CA PRO D 70 13.11 -6.64 24.96
C PRO D 70 12.76 -5.27 24.37
N GLY D 71 11.81 -5.23 23.45
CA GLY D 71 11.35 -3.97 22.87
C GLY D 71 12.26 -3.27 21.87
N SER D 72 13.23 -4.00 21.32
CA SER D 72 14.10 -3.39 20.33
C SER D 72 13.33 -2.96 19.09
N ARG D 73 13.74 -1.81 18.57
CA ARG D 73 13.37 -1.35 17.26
C ARG D 73 14.52 -1.96 16.50
N ASN D 74 14.33 -2.23 15.26
CA ASN D 74 15.41 -2.80 14.49
C ASN D 74 15.38 -1.83 13.34
N LEU D 75 15.61 -0.56 13.66
CA LEU D 75 15.48 0.49 12.66
C LEU D 75 16.28 0.18 11.39
N CYS D 76 17.36 -0.55 11.52
CA CYS D 76 18.18 -0.88 10.34
C CYS D 76 17.77 -2.24 9.74
N ASN D 77 16.79 -2.91 10.34
CA ASN D 77 16.37 -4.23 9.91
C ASN D 77 17.52 -5.16 9.49
N ILE D 78 18.42 -5.40 10.47
CA ILE D 78 19.52 -6.38 10.37
C ILE D 78 19.70 -7.10 11.71
N PRO D 79 20.14 -8.35 11.65
CA PRO D 79 20.60 -9.06 12.83
C PRO D 79 21.86 -8.36 13.33
N CYS D 80 22.07 -8.31 14.64
CA CYS D 80 23.24 -7.66 15.21
C CYS D 80 24.50 -8.45 14.86
N SER D 81 24.35 -9.75 14.64
CA SER D 81 25.46 -10.64 14.28
C SER D 81 26.09 -10.24 12.96
N ALA D 82 25.32 -9.56 12.13
CA ALA D 82 25.76 -9.09 10.82
C ALA D 82 26.69 -7.89 10.99
N LEU D 83 26.56 -7.19 12.12
CA LEU D 83 27.45 -6.08 12.46
C LEU D 83 28.78 -6.58 13.05
N LEU D 84 28.91 -7.90 13.25
CA LEU D 84 30.16 -8.51 13.72
C LEU D 84 30.99 -9.06 12.60
N SER D 85 30.47 -8.94 11.40
CA SER D 85 31.02 -9.57 10.24
C SER D 85 32.36 -8.97 9.77
N SER D 86 33.16 -9.75 9.05
CA SER D 86 34.44 -9.25 8.56
C SER D 86 34.20 -8.27 7.40
N ASP D 87 33.02 -8.37 6.79
CA ASP D 87 32.60 -7.49 5.69
C ASP D 87 31.74 -6.39 6.29
N ILE D 88 32.17 -5.15 6.10
CA ILE D 88 31.64 -3.96 6.84
C ILE D 88 30.30 -3.36 6.34
N THR D 89 29.74 -3.95 5.28
CA THR D 89 28.54 -3.43 4.58
C THR D 89 27.42 -3.12 5.52
N ALA D 90 27.07 -4.10 6.34
CA ALA D 90 25.95 -3.94 7.26
C ALA D 90 26.19 -2.84 8.30
N SER D 91 27.40 -2.79 8.86
CA SER D 91 27.80 -1.69 9.78
C SER D 91 27.79 -0.31 9.11
N VAL D 92 28.19 -0.23 7.84
CA VAL D 92 28.17 1.01 7.09
C VAL D 92 26.72 1.48 6.85
N ASN D 93 25.88 0.58 6.30
CA ASN D 93 24.47 0.84 6.11
C ASN D 93 23.75 1.33 7.36
N CYS D 94 24.07 0.73 8.48
CA CYS D 94 23.42 1.12 9.69
C CYS D 94 23.99 2.45 10.22
N ALA D 95 25.29 2.70 10.06
CA ALA D 95 25.87 4.02 10.36
C ALA D 95 25.25 5.17 9.52
N LYS D 96 25.03 4.89 8.24
CA LYS D 96 24.30 5.79 7.34
C LYS D 96 22.90 6.15 7.83
N LYS D 97 22.21 5.19 8.47
CA LYS D 97 20.91 5.43 9.06
C LYS D 97 20.96 6.19 10.40
N ILE D 98 21.96 5.89 11.26
CA ILE D 98 22.24 6.72 12.44
C ILE D 98 22.61 8.20 12.09
N VAL D 99 23.44 8.39 11.07
CA VAL D 99 23.88 9.72 10.64
C VAL D 99 22.88 10.32 9.66
N SER D 100 22.06 11.18 10.21
CA SER D 100 20.97 11.83 9.49
C SER D 100 21.30 13.33 9.50
N GLY D 104 24.09 14.61 13.45
CA GLY D 104 24.89 13.87 12.47
C GLY D 104 25.75 12.78 13.13
N MET D 105 27.07 12.98 13.19
CA MET D 105 27.98 12.03 13.83
C MET D 105 28.06 12.23 15.32
N ASN D 106 27.23 13.14 15.85
CA ASN D 106 27.32 13.55 17.25
C ASN D 106 26.81 12.49 18.22
N ALA D 107 26.11 11.51 17.65
CA ALA D 107 25.72 10.24 18.31
C ALA D 107 26.93 9.65 19.06
N TRP D 108 28.07 9.62 18.36
CA TRP D 108 29.31 9.06 18.89
C TRP D 108 30.07 10.12 19.69
N VAL D 109 29.96 10.00 21.01
CA VAL D 109 30.59 10.89 21.96
C VAL D 109 32.12 10.90 21.80
N ALA D 110 32.72 9.70 21.71
CA ALA D 110 34.17 9.65 21.53
C ALA D 110 34.54 10.45 20.28
N TRP D 111 33.85 10.19 19.17
CA TRP D 111 34.08 10.94 17.93
C TRP D 111 33.95 12.47 18.23
N ARG D 112 32.92 12.83 18.96
CA ARG D 112 32.65 14.22 19.27
C ARG D 112 33.79 14.85 20.05
N ASN D 113 34.35 14.09 21.01
CA ASN D 113 35.34 14.59 21.94
C ASN D 113 36.78 14.46 21.41
N ARG D 114 37.02 13.48 20.55
CA ARG D 114 38.41 13.17 20.18
C ARG D 114 38.72 13.31 18.72
N CYS D 115 37.71 13.42 17.87
CA CYS D 115 37.92 13.47 16.43
C CYS D 115 37.43 14.79 15.83
N LYS D 116 36.23 15.18 16.24
CA LYS D 116 35.57 16.37 15.70
C LYS D 116 36.40 17.61 16.07
N GLY D 117 36.71 18.43 15.05
CA GLY D 117 37.54 19.65 15.24
C GLY D 117 39.06 19.45 15.10
N THR D 118 39.49 18.21 14.84
CA THR D 118 40.88 17.89 14.55
C THR D 118 41.13 17.80 13.04
N ASP D 119 42.38 17.59 12.64
CA ASP D 119 42.75 17.27 11.27
C ASP D 119 42.43 15.79 11.01
N VAL D 120 41.14 15.50 10.76
CA VAL D 120 40.67 14.11 10.65
C VAL D 120 41.19 13.43 9.40
N GLN D 121 41.70 14.22 8.47
CA GLN D 121 42.22 13.63 7.25
C GLN D 121 43.61 12.97 7.39
N ALA D 122 44.31 13.30 8.46
CA ALA D 122 45.48 12.51 8.91
C ALA D 122 45.15 10.99 8.98
N TRP D 123 43.99 10.62 9.49
CA TRP D 123 43.58 9.19 9.56
C TRP D 123 43.57 8.50 8.23
N ILE D 124 43.49 9.30 7.18
CA ILE D 124 43.36 8.85 5.78
C ILE D 124 44.72 8.86 5.04
N ARG D 125 45.64 9.69 5.52
CA ARG D 125 46.93 9.83 4.84
C ARG D 125 47.94 8.70 5.07
N GLY D 126 48.67 8.36 4.03
CA GLY D 126 49.60 7.22 4.03
C GLY D 126 49.01 5.97 3.39
N CYS D 127 47.82 6.08 2.79
CA CYS D 127 46.98 4.91 2.53
C CYS D 127 46.88 4.48 1.06
N ALA E 2 10.30 -4.20 -40.81
CA ALA E 2 9.03 -3.86 -41.54
C ALA E 2 7.87 -4.74 -41.06
N CYS E 3 6.70 -4.58 -41.68
CA CYS E 3 5.57 -5.44 -41.33
C CYS E 3 5.46 -6.55 -42.36
N PRO E 4 5.41 -7.84 -41.91
CA PRO E 4 5.13 -8.94 -42.84
C PRO E 4 3.89 -8.64 -43.68
N SER E 5 3.92 -9.03 -44.96
CA SER E 5 2.94 -8.61 -45.97
C SER E 5 1.54 -8.98 -45.59
N GLN E 6 1.45 -10.06 -44.83
CA GLN E 6 0.18 -10.66 -44.46
C GLN E 6 -0.41 -10.01 -43.20
N CYS E 7 0.44 -9.39 -42.38
CA CYS E 7 0.08 -8.83 -41.09
C CYS E 7 -0.29 -7.32 -41.05
N SER E 8 -0.84 -6.89 -39.91
CA SER E 8 -1.05 -5.47 -39.62
C SER E 8 -0.14 -5.12 -38.45
N CYS E 9 0.37 -3.90 -38.43
CA CYS E 9 1.33 -3.50 -37.40
C CYS E 9 0.98 -2.15 -36.78
N SER E 10 1.13 -2.08 -35.45
CA SER E 10 0.97 -0.82 -34.71
C SER E 10 1.96 -0.83 -33.57
N GLY E 11 2.77 0.23 -33.48
CA GLY E 11 3.84 0.24 -32.50
C GLY E 11 4.52 -1.11 -32.54
N THR E 12 4.69 -1.72 -31.37
CA THR E 12 5.34 -3.02 -31.24
C THR E 12 4.35 -4.20 -31.22
N THR E 13 3.21 -3.99 -31.87
CA THR E 13 2.17 -5.02 -31.95
C THR E 13 2.08 -5.50 -33.41
N VAL E 14 2.21 -6.81 -33.57
CA VAL E 14 2.12 -7.41 -34.89
C VAL E 14 0.93 -8.36 -34.87
N ASP E 15 0.02 -8.17 -35.81
CA ASP E 15 -1.16 -8.98 -35.87
C ASP E 15 -1.26 -9.82 -37.15
N CYS E 16 -0.98 -11.12 -37.02
CA CYS E 16 -1.05 -12.09 -38.14
C CYS E 16 -2.29 -12.99 -38.07
N SER E 17 -3.29 -12.60 -37.27
CA SER E 17 -4.49 -13.45 -37.11
C SER E 17 -5.41 -13.56 -38.35
N GLY E 18 -6.13 -14.67 -38.45
CA GLY E 18 -7.16 -14.83 -39.46
C GLY E 18 -6.72 -14.71 -40.92
N LYS E 19 -5.59 -15.33 -41.27
CA LYS E 19 -5.06 -15.25 -42.63
C LYS E 19 -4.63 -16.60 -43.25
N SER E 20 -5.29 -17.68 -42.82
CA SER E 20 -5.05 -19.02 -43.35
C SER E 20 -3.57 -19.40 -43.40
N LEU E 21 -2.78 -18.92 -42.44
CA LEU E 21 -1.35 -19.21 -42.41
C LEU E 21 -1.10 -20.62 -41.93
N ALA E 22 0.01 -21.22 -42.36
CA ALA E 22 0.39 -22.57 -41.97
C ALA E 22 1.68 -22.57 -41.16
N SER E 23 2.39 -21.44 -41.19
CA SER E 23 3.52 -21.23 -40.30
C SER E 23 3.74 -19.72 -40.05
N VAL E 24 4.69 -19.39 -39.18
CA VAL E 24 4.96 -18.00 -38.80
C VAL E 24 5.61 -17.25 -39.96
N PRO E 25 5.01 -16.10 -40.37
CA PRO E 25 5.53 -15.22 -41.42
C PRO E 25 6.96 -14.69 -41.17
N THR E 26 7.53 -14.07 -42.21
CA THR E 26 8.93 -13.68 -42.21
C THR E 26 9.04 -12.20 -41.83
N GLY E 27 10.15 -11.83 -41.21
CA GLY E 27 10.43 -10.43 -40.86
C GLY E 27 9.50 -9.82 -39.81
N ILE E 28 9.27 -10.53 -38.71
CA ILE E 28 8.65 -9.89 -37.55
C ILE E 28 9.80 -9.11 -36.87
N PRO E 29 9.66 -7.77 -36.73
CA PRO E 29 10.71 -6.98 -36.06
C PRO E 29 11.07 -7.63 -34.73
N THR E 30 12.30 -7.46 -34.27
CA THR E 30 12.72 -8.15 -33.03
C THR E 30 12.44 -7.27 -31.81
N THR E 31 12.08 -6.03 -32.10
CA THR E 31 11.57 -5.09 -31.11
C THR E 31 10.09 -5.40 -30.74
N THR E 32 9.52 -6.43 -31.36
CA THR E 32 8.09 -6.76 -31.25
C THR E 32 7.70 -7.35 -29.89
N GLN E 33 6.62 -6.81 -29.32
CA GLN E 33 6.23 -7.20 -27.95
C GLN E 33 4.96 -8.01 -27.92
N VAL E 34 4.05 -7.71 -28.85
CA VAL E 34 2.76 -8.37 -28.93
C VAL E 34 2.62 -9.09 -30.26
N LEU E 35 2.45 -10.41 -30.21
CA LEU E 35 2.32 -11.19 -31.45
C LEU E 35 1.10 -12.09 -31.52
N TYR E 36 0.16 -11.71 -32.38
CA TYR E 36 -1.04 -12.49 -32.66
C TYR E 36 -0.89 -13.42 -33.88
N LEU E 37 -0.96 -14.71 -33.59
CA LEU E 37 -1.00 -15.78 -34.60
C LEU E 37 -2.25 -16.68 -34.46
N TYR E 38 -3.34 -16.13 -33.94
CA TYR E 38 -4.53 -16.93 -33.68
C TYR E 38 -5.41 -17.03 -34.91
N ASP E 39 -6.31 -18.00 -34.90
CA ASP E 39 -7.18 -18.26 -36.04
C ASP E 39 -6.41 -18.45 -37.38
N ASN E 40 -5.47 -19.37 -37.38
CA ASN E 40 -4.81 -19.81 -38.61
C ASN E 40 -4.90 -21.33 -38.78
N ARG E 41 -4.07 -21.87 -39.67
CA ARG E 41 -3.96 -23.29 -39.94
C ARG E 41 -2.55 -23.78 -39.61
N ILE E 42 -1.94 -23.24 -38.57
CA ILE E 42 -0.62 -23.72 -38.15
C ILE E 42 -0.80 -25.06 -37.45
N THR E 43 -0.14 -26.10 -37.96
CA THR E 43 -0.19 -27.43 -37.32
C THR E 43 1.15 -27.79 -36.70
N LYS E 44 2.22 -27.23 -37.27
CA LYS E 44 3.57 -27.49 -36.77
C LYS E 44 4.31 -26.18 -36.65
N LEU E 45 5.27 -26.15 -35.73
CA LEU E 45 6.13 -24.97 -35.56
C LEU E 45 7.62 -25.34 -35.75
N GLU E 46 8.35 -24.49 -36.44
CA GLU E 46 9.75 -24.76 -36.71
C GLU E 46 10.65 -24.36 -35.54
N PRO E 47 11.47 -25.32 -35.05
CA PRO E 47 12.39 -25.13 -33.92
C PRO E 47 13.05 -23.74 -33.89
N GLY E 48 12.93 -23.06 -32.75
CA GLY E 48 13.59 -21.78 -32.55
C GLY E 48 13.01 -20.64 -33.36
N VAL E 49 11.81 -20.85 -33.92
CA VAL E 49 11.06 -19.81 -34.66
C VAL E 49 10.91 -18.46 -33.86
N PHE E 50 10.84 -18.55 -32.54
CA PHE E 50 10.69 -17.34 -31.74
C PHE E 50 12.01 -16.88 -31.10
N ASP E 51 12.97 -17.81 -31.00
CA ASP E 51 14.26 -17.57 -30.37
C ASP E 51 14.78 -16.15 -30.58
N ARG E 52 14.43 -15.56 -31.72
CA ARG E 52 14.85 -14.21 -32.11
C ARG E 52 14.02 -13.06 -31.46
N LEU E 53 12.81 -13.41 -31.02
CA LEU E 53 11.78 -12.45 -30.53
C LEU E 53 11.75 -12.33 -29.00
N THR E 54 12.80 -11.71 -28.45
CA THR E 54 13.07 -11.67 -27.01
C THR E 54 12.30 -10.57 -26.26
N GLN E 55 11.86 -9.53 -26.98
CA GLN E 55 11.06 -8.45 -26.41
C GLN E 55 9.56 -8.77 -26.20
N LEU E 56 9.11 -9.96 -26.62
CA LEU E 56 7.68 -10.37 -26.55
C LEU E 56 7.13 -10.53 -25.12
N THR E 57 5.98 -9.91 -24.85
CA THR E 57 5.24 -10.08 -23.57
C THR E 57 3.94 -10.90 -23.67
N ARG E 58 3.35 -10.87 -24.85
CA ARG E 58 2.13 -11.59 -25.13
C ARG E 58 2.29 -12.25 -26.52
N LEU E 59 1.99 -13.56 -26.53
CA LEU E 59 2.00 -14.40 -27.72
C LEU E 59 0.74 -15.24 -27.74
N ASP E 60 -0.09 -15.01 -28.76
CA ASP E 60 -1.32 -15.73 -28.98
C ASP E 60 -1.15 -16.74 -30.12
N LEU E 61 -1.17 -18.03 -29.78
CA LEU E 61 -1.13 -19.14 -30.77
C LEU E 61 -2.40 -19.99 -30.80
N ASP E 62 -3.53 -19.49 -30.28
CA ASP E 62 -4.76 -20.29 -30.13
C ASP E 62 -5.54 -20.43 -31.42
N ASN E 63 -6.36 -21.46 -31.50
CA ASN E 63 -7.25 -21.63 -32.63
C ASN E 63 -6.47 -21.87 -33.91
N ASN E 64 -5.42 -22.67 -33.77
CA ASN E 64 -4.68 -23.26 -34.87
C ASN E 64 -4.97 -24.77 -34.87
N GLN E 65 -3.99 -25.59 -35.28
CA GLN E 65 -4.20 -27.04 -35.36
C GLN E 65 -2.92 -27.76 -34.88
N LEU E 66 -2.22 -27.07 -33.98
CA LEU E 66 -0.93 -27.50 -33.44
C LEU E 66 -0.98 -28.91 -32.88
N THR E 67 -0.01 -29.74 -33.26
CA THR E 67 -0.02 -31.14 -32.84
C THR E 67 1.03 -31.33 -31.77
N VAL E 68 2.09 -30.55 -31.88
CA VAL E 68 3.27 -30.76 -31.10
C VAL E 68 4.01 -29.42 -31.00
N LEU E 69 4.78 -29.22 -29.94
CA LEU E 69 5.64 -28.06 -29.92
C LEU E 69 7.12 -28.50 -29.99
N PRO E 70 7.94 -27.83 -30.80
CA PRO E 70 9.36 -28.15 -30.75
C PRO E 70 9.94 -27.85 -29.36
N ALA E 71 10.64 -28.83 -28.78
CA ALA E 71 11.42 -28.60 -27.56
C ALA E 71 12.10 -27.20 -27.62
N GLY E 72 12.11 -26.49 -26.49
CA GLY E 72 12.77 -25.17 -26.37
C GLY E 72 12.18 -24.02 -27.18
N VAL E 73 10.97 -24.20 -27.71
CA VAL E 73 10.32 -23.19 -28.55
C VAL E 73 10.04 -21.84 -27.84
N PHE E 74 9.94 -21.86 -26.52
CA PHE E 74 9.66 -20.65 -25.72
C PHE E 74 10.85 -20.12 -24.90
N ASP E 75 12.02 -20.73 -25.08
CA ASP E 75 13.16 -20.51 -24.16
C ASP E 75 13.72 -19.09 -24.06
N LYS E 76 13.70 -18.34 -25.16
CA LYS E 76 14.24 -16.97 -25.17
C LYS E 76 13.20 -15.93 -24.71
N LEU E 77 11.95 -16.36 -24.59
CA LEU E 77 10.81 -15.50 -24.20
C LEU E 77 10.71 -15.44 -22.67
N THR E 78 11.75 -14.89 -22.05
CA THR E 78 11.88 -14.73 -20.59
C THR E 78 11.06 -13.54 -20.10
N GLN E 79 10.51 -12.79 -21.05
CA GLN E 79 9.74 -11.56 -20.80
C GLN E 79 8.26 -11.71 -21.12
N LEU E 80 7.83 -12.95 -21.35
CA LEU E 80 6.48 -13.26 -21.83
C LEU E 80 5.52 -13.38 -20.66
N THR E 81 4.53 -12.49 -20.59
CA THR E 81 3.53 -12.49 -19.49
C THR E 81 2.28 -13.32 -19.81
N GLN E 82 1.90 -13.38 -21.09
CA GLN E 82 0.67 -14.07 -21.51
C GLN E 82 0.90 -14.96 -22.71
N LEU E 83 0.37 -16.18 -22.64
CA LEU E 83 0.54 -17.16 -23.71
C LEU E 83 -0.73 -17.99 -23.90
N SER E 84 -1.37 -17.86 -25.05
CA SER E 84 -2.49 -18.72 -25.33
C SER E 84 -2.15 -19.87 -26.29
N LEU E 85 -2.52 -21.08 -25.86
CA LEU E 85 -2.34 -22.33 -26.59
C LEU E 85 -3.64 -23.11 -26.68
N ASN E 86 -4.73 -22.51 -26.22
CA ASN E 86 -6.06 -23.13 -26.30
C ASN E 86 -6.51 -23.42 -27.74
N ASP E 87 -7.56 -24.22 -27.87
CA ASP E 87 -8.12 -24.64 -29.17
C ASP E 87 -7.06 -25.05 -30.20
N ASN E 88 -6.32 -26.09 -29.87
CA ASN E 88 -5.36 -26.70 -30.76
C ASN E 88 -5.56 -28.24 -30.72
N GLN E 89 -4.55 -29.01 -31.09
CA GLN E 89 -4.62 -30.48 -31.11
C GLN E 89 -3.53 -31.08 -30.23
N LEU E 90 -2.88 -30.22 -29.45
CA LEU E 90 -1.81 -30.63 -28.54
C LEU E 90 -2.28 -31.72 -27.57
N LYS E 91 -1.40 -32.71 -27.39
CA LYS E 91 -1.67 -33.93 -26.61
C LYS E 91 -0.87 -33.92 -25.32
N SER E 92 0.31 -33.30 -25.37
CA SER E 92 1.19 -33.07 -24.23
C SER E 92 2.04 -31.79 -24.43
N ILE E 93 2.85 -31.45 -23.42
CA ILE E 93 3.84 -30.37 -23.49
C ILE E 93 5.25 -30.95 -23.29
N PRO E 94 6.25 -30.48 -24.06
CA PRO E 94 7.67 -30.87 -23.84
C PRO E 94 8.32 -30.39 -22.53
N ARG E 95 9.20 -31.23 -21.99
CA ARG E 95 9.84 -31.02 -20.69
C ARG E 95 10.64 -29.72 -20.62
N GLY E 96 10.28 -28.88 -19.66
CA GLY E 96 11.00 -27.63 -19.43
C GLY E 96 10.55 -26.48 -20.32
N ALA E 97 9.48 -26.73 -21.09
CA ALA E 97 8.96 -25.76 -22.06
C ALA E 97 8.63 -24.42 -21.42
N PHE E 98 8.15 -24.45 -20.18
CA PHE E 98 7.75 -23.23 -19.45
C PHE E 98 8.81 -22.73 -18.44
N ASP E 99 9.84 -23.53 -18.22
CA ASP E 99 10.93 -23.25 -17.26
C ASP E 99 11.68 -21.93 -17.40
N ASN E 100 11.76 -21.42 -18.63
CA ASN E 100 12.41 -20.15 -18.88
C ASN E 100 11.50 -18.93 -18.77
N LEU E 101 10.19 -19.15 -18.78
CA LEU E 101 9.18 -18.08 -18.89
C LEU E 101 8.92 -17.41 -17.52
N ARG E 102 9.90 -16.65 -17.05
CA ARG E 102 9.85 -16.09 -15.70
C ARG E 102 8.77 -15.02 -15.51
N SER E 103 8.53 -14.24 -16.57
CA SER E 103 7.61 -13.12 -16.48
C SER E 103 6.15 -13.54 -16.65
N LEU E 104 5.87 -14.85 -16.60
CA LEU E 104 4.55 -15.38 -16.96
C LEU E 104 3.46 -15.22 -15.90
N THR E 105 2.32 -14.66 -16.33
CA THR E 105 1.16 -14.41 -15.47
C THR E 105 -0.11 -15.06 -15.99
N HIS E 106 -0.20 -15.28 -17.31
CA HIS E 106 -1.41 -15.91 -17.87
C HIS E 106 -1.11 -16.99 -18.90
N ILE E 107 -1.76 -18.13 -18.75
CA ILE E 107 -1.67 -19.17 -19.77
C ILE E 107 -3.03 -19.81 -20.02
N TRP E 108 -3.31 -20.08 -21.30
CA TRP E 108 -4.55 -20.71 -21.73
C TRP E 108 -4.25 -22.09 -22.38
N LEU E 109 -4.79 -23.15 -21.78
CA LEU E 109 -4.45 -24.52 -22.14
C LEU E 109 -5.66 -25.37 -22.54
N LEU E 110 -6.85 -24.81 -22.34
CA LEU E 110 -8.12 -25.52 -22.54
C LEU E 110 -8.43 -25.81 -23.99
N ASN E 111 -9.34 -26.76 -24.21
CA ASN E 111 -9.79 -27.17 -25.54
C ASN E 111 -8.64 -27.69 -26.41
N ASN E 112 -7.86 -28.58 -25.80
CA ASN E 112 -6.86 -29.40 -26.44
C ASN E 112 -7.12 -30.84 -26.00
N PRO E 113 -6.96 -31.81 -26.93
CA PRO E 113 -7.12 -33.21 -26.51
C PRO E 113 -5.88 -33.65 -25.72
N TRP E 114 -5.82 -33.31 -24.44
CA TRP E 114 -4.69 -33.75 -23.63
C TRP E 114 -4.87 -35.26 -23.42
N ASP E 115 -3.75 -35.98 -23.42
CA ASP E 115 -3.76 -37.47 -23.45
C ASP E 115 -4.10 -38.09 -22.08
N ILE E 121 2.37 -36.43 -20.57
CA ILE E 121 1.52 -35.52 -19.82
C ILE E 121 2.19 -35.02 -18.53
N LEU E 122 3.06 -35.85 -17.96
CA LEU E 122 3.58 -35.66 -16.60
C LEU E 122 4.26 -34.32 -16.27
N TYR E 123 4.89 -33.67 -17.25
CA TYR E 123 5.45 -32.33 -17.05
C TYR E 123 4.34 -31.32 -16.78
N LEU E 124 3.24 -31.48 -17.53
CA LEU E 124 2.11 -30.55 -17.51
C LEU E 124 1.25 -30.79 -16.28
N SER E 125 0.90 -32.05 -16.04
CA SER E 125 0.21 -32.48 -14.81
C SER E 125 0.86 -31.92 -13.52
N ARG E 126 2.21 -31.95 -13.50
CA ARG E 126 3.03 -31.41 -12.42
C ARG E 126 3.15 -29.88 -12.47
N TRP E 127 3.18 -29.29 -13.67
CA TRP E 127 3.38 -27.84 -13.81
C TRP E 127 2.16 -27.01 -13.36
N ILE E 128 0.97 -27.54 -13.65
CA ILE E 128 -0.28 -26.93 -13.23
C ILE E 128 -0.42 -26.89 -11.68
N SER E 129 -0.22 -28.06 -11.06
CA SER E 129 -0.15 -28.19 -9.61
C SER E 129 0.80 -27.18 -8.97
N GLN E 130 1.93 -26.94 -9.63
CA GLN E 130 2.98 -26.03 -9.18
C GLN E 130 2.64 -24.54 -9.35
N HIS E 131 1.73 -24.24 -10.26
CA HIS E 131 1.43 -22.86 -10.67
C HIS E 131 -0.09 -22.58 -10.78
N PRO E 132 -0.88 -22.79 -9.67
CA PRO E 132 -2.37 -22.66 -9.71
C PRO E 132 -2.92 -21.21 -9.79
N TRP E 133 -2.01 -20.21 -9.79
CA TRP E 133 -2.36 -18.82 -10.10
C TRP E 133 -2.21 -18.46 -11.58
N LEU E 134 -1.83 -19.41 -12.44
CA LEU E 134 -1.50 -19.06 -13.84
C LEU E 134 -2.47 -19.53 -14.96
N VAL E 135 -3.22 -20.60 -14.74
CA VAL E 135 -4.08 -21.16 -15.80
C VAL E 135 -5.46 -20.50 -15.79
N PHE E 136 -5.83 -19.93 -16.93
CA PHE E 136 -7.10 -19.22 -17.09
C PHE E 136 -7.96 -19.91 -18.16
N GLY E 137 -9.29 -19.89 -17.97
CA GLY E 137 -10.25 -20.41 -18.96
C GLY E 137 -10.81 -19.27 -19.79
N TYR E 138 -12.05 -19.43 -20.26
CA TYR E 138 -12.69 -18.40 -21.09
C TYR E 138 -13.17 -17.17 -20.30
N LEU E 139 -13.06 -17.23 -18.97
CA LEU E 139 -13.43 -16.13 -18.09
C LEU E 139 -12.22 -15.77 -17.20
N ASN E 140 -12.26 -16.05 -15.91
CA ASN E 140 -11.08 -15.77 -15.08
C ASN E 140 -10.23 -17.02 -14.75
N LEU E 141 -9.50 -16.96 -13.63
CA LEU E 141 -8.69 -18.08 -13.11
C LEU E 141 -9.44 -19.39 -13.03
N ASP E 142 -8.90 -20.42 -13.69
CA ASP E 142 -9.43 -21.79 -13.59
C ASP E 142 -8.41 -22.90 -13.91
N HIS E 143 -7.65 -23.31 -12.91
CA HIS E 143 -6.63 -24.36 -13.10
C HIS E 143 -7.18 -25.78 -13.40
N ASP E 144 -8.50 -25.93 -13.47
CA ASP E 144 -9.15 -27.14 -13.94
C ASP E 144 -9.43 -27.14 -15.44
N SER E 145 -9.39 -25.95 -16.06
CA SER E 145 -9.84 -25.74 -17.46
C SER E 145 -9.11 -26.60 -18.51
N ALA E 146 -7.82 -26.89 -18.27
CA ALA E 146 -7.06 -27.93 -18.96
C ALA E 146 -7.59 -29.33 -18.57
N ARG E 147 -8.35 -29.93 -19.48
CA ARG E 147 -8.98 -31.22 -19.24
C ARG E 147 -8.48 -32.33 -20.17
N CYS E 148 -8.46 -33.55 -19.63
CA CYS E 148 -8.06 -34.77 -20.38
C CYS E 148 -9.14 -35.12 -21.39
N SER E 149 -8.72 -35.53 -22.60
CA SER E 149 -9.67 -35.91 -23.68
C SER E 149 -10.38 -37.18 -23.34
N GLY E 150 -11.66 -37.21 -23.70
CA GLY E 150 -12.54 -38.33 -23.37
C GLY E 150 -13.18 -38.20 -22.00
N THR E 151 -12.36 -38.34 -20.95
CA THR E 151 -12.88 -38.31 -19.56
C THR E 151 -13.30 -36.93 -19.07
N ASN E 152 -12.58 -35.88 -19.51
CA ASN E 152 -12.90 -34.47 -19.19
C ASN E 152 -12.51 -34.12 -17.75
N THR E 153 -11.58 -34.88 -17.18
CA THR E 153 -11.09 -34.59 -15.84
C THR E 153 -9.91 -33.62 -15.92
N PRO E 154 -9.73 -32.79 -14.88
CA PRO E 154 -8.54 -31.94 -14.78
C PRO E 154 -7.22 -32.71 -15.02
N VAL E 155 -6.39 -32.16 -15.91
CA VAL E 155 -5.05 -32.68 -16.18
C VAL E 155 -4.11 -32.60 -14.94
N ARG E 156 -4.42 -31.70 -14.01
CA ARG E 156 -3.65 -31.58 -12.77
C ARG E 156 -3.88 -32.77 -11.80
N ALA E 157 -5.10 -33.31 -11.81
CA ALA E 157 -5.53 -34.45 -10.98
C ALA E 157 -4.91 -35.81 -11.38
N VAL E 158 -4.46 -35.90 -12.64
CA VAL E 158 -3.85 -37.10 -13.20
C VAL E 158 -2.58 -37.55 -12.45
N THR E 159 -2.65 -38.77 -11.90
CA THR E 159 -1.52 -39.40 -11.22
C THR E 159 -0.80 -40.39 -12.13
N LYS E 160 0.45 -40.67 -11.77
CA LYS E 160 1.27 -41.68 -12.44
C LYS E 160 0.59 -43.07 -12.51
N ALA E 161 -0.05 -43.49 -11.42
CA ALA E 161 -0.77 -44.79 -11.39
C ALA E 161 -1.93 -44.95 -12.42
N SER E 162 -2.12 -43.93 -13.27
CA SER E 162 -3.18 -43.92 -14.28
C SER E 162 -2.58 -43.91 -15.67
N THR E 163 -1.29 -43.59 -15.74
CA THR E 163 -0.57 -43.42 -16.99
C THR E 163 -0.02 -44.75 -17.52
N SER E 164 0.42 -44.74 -18.79
CA SER E 164 1.07 -45.90 -19.40
C SER E 164 2.25 -45.46 -20.26
N PRO E 165 3.48 -45.73 -19.79
CA PRO E 165 4.72 -45.33 -20.47
C PRO E 165 4.92 -46.00 -21.83
N LYS F 1 -28.85 -1.80 -12.62
CA LYS F 1 -30.04 -2.41 -11.96
C LYS F 1 -29.63 -3.69 -11.21
N VAL F 2 -29.99 -3.77 -9.94
CA VAL F 2 -29.80 -4.95 -9.09
C VAL F 2 -31.14 -5.72 -9.14
N PHE F 3 -31.22 -6.83 -9.89
CA PHE F 3 -32.49 -7.59 -9.96
C PHE F 3 -32.79 -8.24 -8.60
N GLY F 4 -34.10 -8.38 -8.30
CA GLY F 4 -34.55 -9.31 -7.27
C GLY F 4 -34.47 -10.72 -7.84
N ARG F 5 -34.28 -11.73 -6.99
CA ARG F 5 -34.17 -13.15 -7.37
C ARG F 5 -35.22 -13.62 -8.39
N CYS F 6 -36.47 -13.22 -8.18
CA CYS F 6 -37.62 -13.70 -8.94
C CYS F 6 -37.86 -12.86 -10.17
N GLU F 7 -37.53 -11.59 -10.04
CA GLU F 7 -37.43 -10.71 -11.20
C GLU F 7 -36.36 -11.18 -12.20
N LEU F 8 -35.17 -11.53 -11.72
CA LEU F 8 -34.20 -12.17 -12.55
C LEU F 8 -34.61 -13.51 -13.19
N ALA F 9 -35.20 -14.41 -12.39
CA ALA F 9 -35.81 -15.66 -12.88
C ALA F 9 -36.86 -15.44 -13.97
N ALA F 10 -37.85 -14.59 -13.71
CA ALA F 10 -38.86 -14.27 -14.75
C ALA F 10 -38.21 -13.82 -16.06
N ALA F 11 -37.23 -12.91 -15.96
CA ALA F 11 -36.54 -12.34 -17.11
C ALA F 11 -35.76 -13.37 -17.89
N MET F 12 -35.05 -14.21 -17.16
CA MET F 12 -34.30 -15.28 -17.77
C MET F 12 -35.21 -16.29 -18.50
N LYS F 13 -36.39 -16.56 -17.94
CA LYS F 13 -37.37 -17.40 -18.64
C LYS F 13 -37.82 -16.79 -19.97
N ARG F 14 -38.27 -15.53 -19.96
CA ARG F 14 -38.65 -14.90 -21.22
C ARG F 14 -37.52 -14.88 -22.27
N HIS F 15 -36.25 -14.87 -21.83
CA HIS F 15 -35.11 -14.89 -22.77
C HIS F 15 -34.67 -16.31 -23.11
N GLY F 16 -35.56 -17.28 -22.85
CA GLY F 16 -35.39 -18.68 -23.26
C GLY F 16 -34.24 -19.47 -22.66
N LEU F 17 -33.90 -19.21 -21.40
CA LEU F 17 -32.76 -19.86 -20.76
C LEU F 17 -33.10 -21.18 -20.03
N ASP F 18 -34.38 -21.38 -19.72
CA ASP F 18 -34.81 -22.62 -19.06
C ASP F 18 -34.61 -23.83 -19.96
N ASN F 19 -33.67 -24.68 -19.57
CA ASN F 19 -33.27 -25.86 -20.34
C ASN F 19 -32.50 -25.59 -21.64
N TYR F 20 -31.92 -24.39 -21.76
CA TYR F 20 -30.93 -24.12 -22.80
C TYR F 20 -29.74 -25.05 -22.55
N ARG F 21 -29.42 -25.86 -23.57
CA ARG F 21 -28.44 -26.96 -23.43
C ARG F 21 -28.71 -27.95 -22.32
N GLY F 22 -29.96 -28.04 -21.86
CA GLY F 22 -30.31 -29.02 -20.82
C GLY F 22 -30.06 -28.54 -19.40
N TYR F 23 -29.98 -27.20 -19.25
CA TYR F 23 -29.80 -26.57 -17.94
C TYR F 23 -31.08 -25.91 -17.55
N SER F 24 -31.60 -26.31 -16.41
CA SER F 24 -32.87 -25.77 -15.93
C SER F 24 -32.62 -24.33 -15.45
N LEU F 25 -33.70 -23.56 -15.41
CA LEU F 25 -33.69 -22.15 -15.11
C LEU F 25 -32.87 -21.83 -13.84
N GLY F 26 -33.01 -22.66 -12.82
CA GLY F 26 -32.39 -22.37 -11.57
C GLY F 26 -30.89 -22.23 -11.62
N ASN F 27 -30.27 -22.94 -12.55
CA ASN F 27 -28.83 -22.87 -12.74
C ASN F 27 -28.34 -21.45 -13.09
N TRP F 28 -29.06 -20.79 -14.00
CA TRP F 28 -28.71 -19.47 -14.56
C TRP F 28 -28.82 -18.43 -13.50
N VAL F 29 -29.98 -18.41 -12.84
CA VAL F 29 -30.22 -17.65 -11.61
C VAL F 29 -29.08 -17.84 -10.59
N CYS F 30 -28.78 -19.08 -10.25
CA CYS F 30 -27.75 -19.34 -9.26
C CYS F 30 -26.36 -18.78 -9.65
N ALA F 31 -26.01 -18.95 -10.93
CA ALA F 31 -24.74 -18.49 -11.49
C ALA F 31 -24.64 -16.97 -11.42
N ALA F 32 -25.69 -16.26 -11.80
CA ALA F 32 -25.77 -14.79 -11.73
C ALA F 32 -25.56 -14.23 -10.30
N LYS F 33 -26.14 -14.94 -9.33
CA LYS F 33 -26.04 -14.65 -7.92
C LYS F 33 -24.61 -14.60 -7.51
N PHE F 34 -23.89 -15.67 -7.81
CA PHE F 34 -22.48 -15.73 -7.42
C PHE F 34 -21.56 -14.93 -8.32
N GLU F 35 -21.91 -14.75 -9.58
CA GLU F 35 -21.09 -13.87 -10.41
C GLU F 35 -21.16 -12.38 -9.99
N SER F 36 -22.39 -11.86 -9.86
CA SER F 36 -22.69 -10.42 -9.73
C SER F 36 -23.65 -10.01 -8.59
N ASN F 37 -24.16 -11.00 -7.83
CA ASN F 37 -25.26 -10.80 -6.89
C ASN F 37 -26.50 -10.08 -7.49
N PHE F 38 -26.83 -10.41 -8.73
CA PHE F 38 -27.93 -9.87 -9.56
C PHE F 38 -27.79 -8.39 -10.08
N ASN F 39 -26.60 -7.81 -9.95
CA ASN F 39 -26.32 -6.44 -10.38
C ASN F 39 -25.82 -6.42 -11.86
N THR F 40 -26.64 -5.89 -12.76
CA THR F 40 -26.24 -5.69 -14.15
C THR F 40 -25.01 -4.80 -14.37
N GLN F 41 -24.70 -3.92 -13.43
CA GLN F 41 -23.59 -2.96 -13.61
C GLN F 41 -22.30 -3.40 -12.93
N ALA F 42 -22.24 -4.66 -12.51
CA ALA F 42 -21.03 -5.22 -11.97
C ALA F 42 -19.91 -5.20 -13.03
N THR F 43 -18.73 -4.81 -12.59
CA THR F 43 -17.61 -4.56 -13.44
C THR F 43 -16.48 -5.05 -12.59
N ASN F 44 -15.45 -5.63 -13.20
CA ASN F 44 -14.25 -6.07 -12.49
C ASN F 44 -13.07 -6.02 -13.44
N ARG F 45 -12.07 -5.21 -13.09
CA ARG F 45 -10.82 -5.09 -13.87
C ARG F 45 -9.94 -6.29 -13.63
N ASN F 46 -9.46 -6.96 -14.68
CA ASN F 46 -8.55 -8.11 -14.52
C ASN F 46 -7.14 -7.69 -14.77
N THR F 47 -6.18 -8.50 -14.36
CA THR F 47 -4.78 -8.13 -14.46
C THR F 47 -4.21 -8.26 -15.90
N ASP F 48 -4.90 -8.97 -16.80
CA ASP F 48 -4.43 -9.09 -18.19
C ASP F 48 -4.88 -7.88 -19.05
N GLY F 49 -5.60 -6.93 -18.44
CA GLY F 49 -6.08 -5.74 -19.14
C GLY F 49 -7.52 -5.88 -19.60
N SER F 50 -8.11 -7.05 -19.40
CA SER F 50 -9.51 -7.20 -19.74
C SER F 50 -10.40 -6.75 -18.52
N THR F 51 -11.69 -6.76 -18.72
CA THR F 51 -12.62 -6.45 -17.68
C THR F 51 -13.76 -7.47 -17.83
N ASP F 52 -14.38 -7.83 -16.70
CA ASP F 52 -15.63 -8.64 -16.69
C ASP F 52 -16.87 -7.76 -16.50
N TYR F 53 -17.95 -8.06 -17.24
CA TYR F 53 -19.15 -7.21 -17.27
C TYR F 53 -20.46 -7.95 -17.01
N GLY F 54 -21.30 -7.34 -16.19
CA GLY F 54 -22.67 -7.75 -16.16
C GLY F 54 -23.02 -8.84 -15.17
N ILE F 55 -24.23 -9.35 -15.31
CA ILE F 55 -24.72 -10.32 -14.35
C ILE F 55 -23.93 -11.63 -14.35
N LEU F 56 -23.28 -11.97 -15.47
CA LEU F 56 -22.55 -13.20 -15.53
C LEU F 56 -21.08 -12.98 -15.65
N GLN F 57 -20.65 -11.73 -15.42
CA GLN F 57 -19.24 -11.31 -15.51
C GLN F 57 -18.54 -11.85 -16.77
N ILE F 58 -19.11 -11.51 -17.94
CA ILE F 58 -18.59 -11.85 -19.26
C ILE F 58 -17.36 -10.96 -19.56
N ASN F 59 -16.33 -11.61 -20.08
CA ASN F 59 -14.97 -11.09 -20.11
C ASN F 59 -14.61 -10.43 -21.45
N SER F 60 -14.08 -9.20 -21.40
CA SER F 60 -13.74 -8.42 -22.63
C SER F 60 -12.59 -8.95 -23.49
N ARG F 61 -11.85 -9.96 -23.05
CA ARG F 61 -10.78 -10.52 -23.88
C ARG F 61 -11.36 -11.35 -25.00
N TRP F 62 -12.31 -12.22 -24.65
CA TRP F 62 -12.83 -13.22 -25.59
C TRP F 62 -14.16 -12.79 -26.19
N TRP F 63 -15.04 -12.22 -25.36
CA TRP F 63 -16.48 -12.22 -25.65
C TRP F 63 -17.14 -10.92 -26.11
N CYS F 64 -16.82 -9.81 -25.47
CA CYS F 64 -17.37 -8.50 -25.87
C CYS F 64 -16.25 -7.49 -26.07
N ASN F 65 -16.56 -6.41 -26.78
CA ASN F 65 -15.61 -5.34 -27.04
C ASN F 65 -15.86 -4.09 -26.16
N ASP F 66 -14.93 -3.78 -25.25
CA ASP F 66 -15.01 -2.55 -24.46
C ASP F 66 -14.15 -1.35 -24.97
N GLY F 67 -13.47 -1.52 -26.11
CA GLY F 67 -12.63 -0.43 -26.68
C GLY F 67 -11.34 -0.16 -25.94
N ARG F 68 -11.06 -0.94 -24.91
CA ARG F 68 -9.90 -0.75 -24.11
C ARG F 68 -9.23 -2.10 -23.80
N THR F 69 -9.58 -3.14 -24.54
CA THR F 69 -8.94 -4.44 -24.36
C THR F 69 -8.22 -4.82 -25.65
N PRO F 70 -6.91 -4.61 -25.71
CA PRO F 70 -6.11 -4.89 -26.90
C PRO F 70 -6.10 -6.38 -27.29
N GLY F 71 -6.45 -6.67 -28.55
CA GLY F 71 -6.37 -8.04 -29.07
C GLY F 71 -7.60 -8.86 -28.70
N SER F 72 -8.67 -8.14 -28.33
CA SER F 72 -9.93 -8.73 -27.93
C SER F 72 -10.58 -9.42 -29.14
N ARG F 73 -11.23 -10.57 -28.92
CA ARG F 73 -11.84 -11.30 -30.06
C ARG F 73 -13.28 -10.92 -30.36
N ASN F 74 -13.97 -10.39 -29.34
CA ASN F 74 -15.39 -9.97 -29.48
C ASN F 74 -16.30 -11.06 -30.07
N LEU F 75 -16.16 -12.30 -29.60
CA LEU F 75 -16.92 -13.43 -30.15
C LEU F 75 -18.42 -13.22 -30.13
N CYS F 76 -18.93 -12.46 -29.17
CA CYS F 76 -20.37 -12.19 -29.11
C CYS F 76 -20.80 -11.02 -29.98
N ASN F 77 -19.84 -10.30 -30.58
CA ASN F 77 -20.14 -9.15 -31.43
C ASN F 77 -21.00 -8.09 -30.75
N ILE F 78 -20.59 -7.65 -29.55
CA ILE F 78 -21.36 -6.63 -28.78
C ILE F 78 -20.44 -5.76 -27.96
N PRO F 79 -20.82 -4.51 -27.80
CA PRO F 79 -20.08 -3.61 -26.90
C PRO F 79 -20.26 -4.17 -25.51
N CYS F 80 -19.23 -4.10 -24.67
CA CYS F 80 -19.38 -4.59 -23.30
C CYS F 80 -20.41 -3.80 -22.47
N SER F 81 -20.63 -2.53 -22.83
CA SER F 81 -21.58 -1.69 -22.11
C SER F 81 -22.98 -2.24 -22.26
N ALA F 82 -23.22 -2.98 -23.33
CA ALA F 82 -24.53 -3.63 -23.54
C ALA F 82 -24.86 -4.68 -22.44
N LEU F 83 -23.81 -5.27 -21.87
CA LEU F 83 -23.88 -6.22 -20.79
C LEU F 83 -24.08 -5.52 -19.44
N LEU F 84 -24.12 -4.18 -19.44
CA LEU F 84 -24.34 -3.41 -18.20
C LEU F 84 -25.77 -2.87 -18.15
N SER F 85 -26.52 -3.13 -19.22
CA SER F 85 -27.88 -2.68 -19.38
C SER F 85 -28.81 -3.37 -18.40
N SER F 86 -29.80 -2.61 -17.92
CA SER F 86 -30.86 -3.12 -17.05
C SER F 86 -31.73 -4.20 -17.76
N ASP F 87 -31.62 -4.25 -19.09
CA ASP F 87 -32.25 -5.25 -19.93
C ASP F 87 -31.19 -6.29 -20.27
N ILE F 88 -31.45 -7.50 -19.78
CA ILE F 88 -30.49 -8.62 -19.79
C ILE F 88 -30.27 -9.33 -21.14
N THR F 89 -30.93 -8.86 -22.21
CA THR F 89 -30.85 -9.47 -23.53
C THR F 89 -29.42 -9.83 -23.96
N ALA F 90 -28.52 -8.85 -23.91
CA ALA F 90 -27.19 -9.01 -24.47
C ALA F 90 -26.40 -9.95 -23.62
N SER F 91 -26.57 -9.85 -22.30
CA SER F 91 -25.86 -10.75 -21.40
C SER F 91 -26.26 -12.21 -21.65
N VAL F 92 -27.56 -12.42 -21.93
CA VAL F 92 -28.16 -13.74 -22.14
C VAL F 92 -27.76 -14.31 -23.50
N ASN F 93 -27.66 -13.46 -24.52
CA ASN F 93 -27.24 -13.91 -25.86
C ASN F 93 -25.79 -14.30 -25.80
N CYS F 94 -25.05 -13.55 -24.99
CA CYS F 94 -23.65 -13.82 -24.83
C CYS F 94 -23.39 -15.07 -23.98
N ALA F 95 -24.21 -15.31 -22.95
CA ALA F 95 -24.13 -16.57 -22.19
C ALA F 95 -24.50 -17.85 -23.04
N LYS F 96 -25.52 -17.74 -23.89
CA LYS F 96 -25.81 -18.76 -24.93
C LYS F 96 -24.62 -19.07 -25.84
N LYS F 97 -23.96 -18.04 -26.36
CA LYS F 97 -22.76 -18.23 -27.16
C LYS F 97 -21.70 -19.00 -26.33
N ILE F 98 -21.49 -18.59 -25.08
CA ILE F 98 -20.55 -19.28 -24.18
C ILE F 98 -20.91 -20.75 -23.83
N VAL F 99 -22.17 -21.04 -23.55
CA VAL F 99 -22.55 -22.39 -23.10
C VAL F 99 -22.60 -23.38 -24.27
N SER F 100 -23.02 -22.90 -25.43
CA SER F 100 -22.81 -23.60 -26.73
C SER F 100 -21.76 -24.74 -26.71
N ASP F 101 -22.31 -25.94 -26.45
CA ASP F 101 -21.66 -27.22 -26.11
C ASP F 101 -22.54 -28.03 -25.15
N GLY F 104 -20.42 -26.59 -20.64
CA GLY F 104 -21.16 -25.36 -20.93
C GLY F 104 -21.02 -24.34 -19.79
N MET F 105 -21.85 -24.52 -18.77
CA MET F 105 -21.82 -23.70 -17.56
C MET F 105 -20.59 -23.94 -16.69
N ASN F 106 -19.81 -24.96 -17.01
CA ASN F 106 -18.56 -25.24 -16.26
C ASN F 106 -17.55 -24.12 -16.26
N ALA F 107 -17.72 -23.23 -17.24
CA ALA F 107 -16.92 -22.03 -17.45
C ALA F 107 -16.99 -21.10 -16.24
N TRP F 108 -18.14 -21.08 -15.57
CA TRP F 108 -18.41 -20.33 -14.34
C TRP F 108 -17.99 -21.13 -13.14
N VAL F 109 -16.78 -20.88 -12.68
CA VAL F 109 -16.16 -21.67 -11.63
C VAL F 109 -17.01 -21.69 -10.34
N ALA F 110 -17.52 -20.51 -9.95
CA ALA F 110 -18.42 -20.40 -8.82
C ALA F 110 -19.72 -21.20 -8.99
N TRP F 111 -20.36 -21.16 -10.14
CA TRP F 111 -21.53 -22.03 -10.39
C TRP F 111 -21.16 -23.48 -10.20
N ARG F 112 -19.99 -23.85 -10.72
CA ARG F 112 -19.48 -25.19 -10.61
C ARG F 112 -19.37 -25.59 -9.13
N ASN F 113 -18.72 -24.73 -8.32
CA ASN F 113 -18.56 -24.95 -6.88
C ASN F 113 -19.78 -24.72 -5.96
N ARG F 114 -20.69 -23.83 -6.34
CA ARG F 114 -21.74 -23.42 -5.40
C ARG F 114 -23.10 -23.83 -5.88
N CYS F 115 -23.23 -24.17 -7.16
CA CYS F 115 -24.56 -24.50 -7.68
C CYS F 115 -24.71 -25.94 -8.17
N LYS F 116 -23.79 -26.38 -9.02
CA LYS F 116 -23.93 -27.67 -9.72
C LYS F 116 -23.92 -28.77 -8.67
N GLY F 117 -24.85 -29.74 -8.79
CA GLY F 117 -25.07 -30.74 -7.75
C GLY F 117 -25.66 -30.24 -6.42
N THR F 118 -26.49 -29.19 -6.48
CA THR F 118 -27.31 -28.77 -5.33
C THR F 118 -28.74 -28.80 -5.85
N ASP F 119 -29.72 -28.68 -4.96
CA ASP F 119 -31.13 -28.58 -5.37
C ASP F 119 -31.33 -27.18 -5.98
N VAL F 120 -30.92 -27.03 -7.25
CA VAL F 120 -30.85 -25.70 -7.91
C VAL F 120 -32.20 -25.08 -8.22
N GLN F 121 -33.24 -25.91 -8.35
CA GLN F 121 -34.59 -25.39 -8.66
C GLN F 121 -35.13 -24.63 -7.46
N ALA F 122 -34.45 -24.70 -6.33
CA ALA F 122 -34.79 -23.83 -5.21
C ALA F 122 -34.83 -22.33 -5.70
N TRP F 123 -33.78 -21.89 -6.41
CA TRP F 123 -33.59 -20.48 -6.82
C TRP F 123 -34.80 -19.94 -7.55
N ILE F 124 -35.64 -20.88 -7.96
CA ILE F 124 -36.78 -20.61 -8.82
C ILE F 124 -38.10 -20.70 -8.04
N ARG F 125 -38.02 -21.14 -6.78
CA ARG F 125 -39.24 -21.29 -5.94
C ARG F 125 -39.93 -19.97 -5.68
N GLY F 126 -41.25 -19.95 -5.91
CA GLY F 126 -42.11 -18.88 -5.47
C GLY F 126 -42.14 -17.68 -6.39
N CYS F 127 -41.62 -17.83 -7.61
CA CYS F 127 -41.49 -16.67 -8.51
C CYS F 127 -42.84 -16.17 -9.10
N THR G 12 -35.76 3.58 17.92
CA THR G 12 -36.82 2.53 17.84
C THR G 12 -36.25 1.15 18.20
N THR G 13 -34.95 1.14 18.53
CA THR G 13 -34.16 -0.06 18.89
C THR G 13 -34.13 -0.30 20.41
N VAL G 14 -34.08 -1.57 20.82
CA VAL G 14 -33.89 -1.92 22.24
C VAL G 14 -32.59 -2.72 22.50
N ALA G 22 -31.44 -13.40 31.19
CA ALA G 22 -32.42 -14.20 31.92
C ALA G 22 -33.58 -14.72 31.03
N SER G 23 -34.41 -13.79 30.57
CA SER G 23 -35.61 -14.10 29.77
C SER G 23 -36.12 -12.88 29.01
N VAL G 34 -35.89 -3.88 15.81
CA VAL G 34 -34.58 -4.38 16.22
C VAL G 34 -34.57 -4.66 17.71
N LEU G 35 -33.89 -5.73 18.12
CA LEU G 35 -33.87 -6.19 19.50
C LEU G 35 -32.89 -7.35 19.63
N TYR G 36 -31.78 -7.11 20.33
CA TYR G 36 -30.74 -8.13 20.60
C TYR G 36 -30.96 -8.67 21.98
N LEU G 37 -30.60 -9.94 22.17
CA LEU G 37 -30.79 -10.63 23.44
C LEU G 37 -29.80 -11.83 23.49
N TYR G 38 -28.60 -11.62 22.94
CA TYR G 38 -27.52 -12.62 22.88
C TYR G 38 -26.56 -12.47 24.07
N THR G 57 -37.71 -6.05 13.04
CA THR G 57 -36.88 -6.36 11.89
C THR G 57 -35.66 -7.27 12.15
N ARG G 58 -35.32 -7.60 13.41
CA ARG G 58 -34.10 -8.39 13.74
C ARG G 58 -33.99 -8.94 15.19
N LEU G 59 -33.49 -10.18 15.35
CA LEU G 59 -33.34 -10.82 16.67
C LEU G 59 -32.08 -11.71 16.82
N ASP G 60 -31.27 -11.45 17.83
CA ASP G 60 -30.06 -12.26 18.09
C ASP G 60 -30.30 -13.19 19.30
N LEU G 61 -30.05 -14.49 19.14
CA LEU G 61 -30.28 -15.45 20.22
C LEU G 61 -29.12 -16.42 20.29
N ASP G 62 -27.93 -15.89 20.01
CA ASP G 62 -26.70 -16.66 20.00
C ASP G 62 -25.84 -16.38 21.23
N LEU G 77 -43.88 -12.96 12.48
CA LEU G 77 -43.33 -11.61 12.44
C LEU G 77 -42.95 -11.22 11.01
N THR G 78 -43.79 -10.40 10.39
CA THR G 78 -43.69 -10.11 8.96
C THR G 78 -43.13 -8.71 8.71
N LEU G 80 -39.90 -8.93 9.68
CA LEU G 80 -38.63 -9.45 10.16
C LEU G 80 -37.68 -9.82 8.98
N THR G 81 -36.48 -9.23 8.98
CA THR G 81 -35.49 -9.51 7.95
C THR G 81 -34.32 -10.41 8.40
N GLN G 82 -33.87 -10.25 9.66
CA GLN G 82 -32.67 -10.99 10.16
C GLN G 82 -32.87 -11.82 11.46
N LEU G 83 -32.06 -12.85 11.67
CA LEU G 83 -32.25 -13.80 12.77
C LEU G 83 -31.03 -14.69 13.03
N SER G 84 -30.38 -14.54 14.17
CA SER G 84 -29.30 -15.49 14.49
C SER G 84 -29.74 -16.48 15.56
N LEU G 85 -28.96 -17.55 15.73
CA LEU G 85 -29.27 -18.73 16.56
C LEU G 85 -28.06 -19.64 16.56
N ASN G 86 -26.92 -19.09 16.14
CA ASN G 86 -25.66 -19.80 16.31
C ASN G 86 -25.28 -19.74 17.82
N PHE G 98 -40.70 -21.22 10.96
CA PHE G 98 -40.03 -20.27 10.04
C PHE G 98 -40.98 -19.68 8.98
N ASP G 99 -42.20 -20.20 8.92
CA ASP G 99 -43.01 -20.10 7.69
C ASP G 99 -43.76 -18.79 7.40
N ASN G 100 -43.92 -17.93 8.41
CA ASN G 100 -44.62 -16.64 8.21
C ASN G 100 -43.64 -15.52 7.81
N LEU G 101 -42.38 -15.92 7.61
CA LEU G 101 -41.29 -14.98 7.50
C LEU G 101 -41.09 -14.51 6.05
N ARG G 102 -42.13 -13.88 5.52
CA ARG G 102 -42.14 -13.37 4.13
C ARG G 102 -41.14 -12.24 3.91
N SER G 103 -40.64 -11.66 4.99
CA SER G 103 -39.63 -10.60 4.93
C SER G 103 -38.18 -11.10 5.13
N LEU G 104 -37.99 -12.29 5.70
CA LEU G 104 -36.65 -12.82 6.04
C LEU G 104 -35.58 -12.80 4.90
N THR G 105 -34.38 -12.30 5.24
CA THR G 105 -33.27 -12.27 4.29
C THR G 105 -32.00 -12.98 4.77
N HIS G 106 -31.80 -13.07 6.09
CA HIS G 106 -30.55 -13.69 6.66
C HIS G 106 -30.83 -14.57 7.84
N ILE G 107 -30.21 -15.75 7.89
CA ILE G 107 -30.27 -16.54 9.10
C ILE G 107 -28.93 -17.16 9.46
N TRP G 108 -28.58 -17.12 10.76
CA TRP G 108 -27.36 -17.78 11.25
C TRP G 108 -27.66 -19.08 12.01
N LEU G 109 -26.84 -20.11 11.79
CA LEU G 109 -27.11 -21.47 12.31
C LEU G 109 -25.89 -22.36 12.67
N LEU G 110 -24.67 -21.93 12.36
CA LEU G 110 -23.47 -22.75 12.59
C LEU G 110 -23.06 -22.98 14.08
N ASN G 111 -21.98 -23.76 14.25
CA ASN G 111 -21.53 -24.38 15.52
C ASN G 111 -22.63 -24.95 16.41
N ASN G 112 -23.40 -25.89 15.85
CA ASN G 112 -24.27 -26.80 16.58
C ASN G 112 -23.86 -28.21 16.13
N LEU G 122 -34.67 -32.79 9.77
CA LEU G 122 -35.33 -33.07 8.49
C LEU G 122 -36.17 -31.90 7.98
N TYR G 123 -36.82 -31.16 8.88
CA TYR G 123 -37.48 -29.90 8.49
C TYR G 123 -36.40 -28.84 8.18
N LEU G 124 -35.19 -29.05 8.70
CA LEU G 124 -34.08 -28.12 8.49
C LEU G 124 -33.41 -28.42 7.16
N SER G 125 -32.96 -29.67 7.01
CA SER G 125 -32.46 -30.18 5.74
C SER G 125 -33.36 -29.80 4.55
N ARG G 126 -34.67 -29.94 4.68
CA ARG G 126 -35.60 -29.48 3.65
C ARG G 126 -35.54 -27.96 3.47
N TRP G 127 -35.57 -27.21 4.57
CA TRP G 127 -35.68 -25.74 4.53
C TRP G 127 -34.43 -25.00 4.02
N ILE G 128 -33.25 -25.49 4.40
CA ILE G 128 -31.97 -24.98 3.96
C ILE G 128 -31.84 -25.24 2.46
N SER G 129 -32.30 -26.43 2.05
CA SER G 129 -32.28 -26.90 0.65
C SER G 129 -33.14 -26.07 -0.27
N GLN G 130 -34.21 -25.52 0.28
CA GLN G 130 -35.17 -24.72 -0.48
C GLN G 130 -34.95 -23.21 -0.26
N HIS G 131 -33.93 -22.86 0.53
CA HIS G 131 -33.61 -21.46 0.80
C HIS G 131 -32.09 -21.19 0.72
N PRO G 132 -31.47 -21.47 -0.45
CA PRO G 132 -30.01 -21.40 -0.46
C PRO G 132 -29.46 -19.94 -0.37
N TRP G 133 -30.37 -18.96 -0.47
CA TRP G 133 -30.02 -17.56 -0.43
C TRP G 133 -30.10 -16.97 0.99
N LEU G 134 -30.53 -17.77 1.97
CA LEU G 134 -30.85 -17.28 3.31
C LEU G 134 -29.82 -17.55 4.40
N VAL G 135 -28.95 -18.54 4.20
CA VAL G 135 -28.09 -19.06 5.29
C VAL G 135 -26.64 -18.54 5.29
N PHE G 136 -26.27 -17.86 6.37
CA PHE G 136 -25.01 -17.14 6.47
C PHE G 136 -24.11 -17.73 7.58
N GLY G 137 -22.82 -17.86 7.31
CA GLY G 137 -21.84 -18.16 8.35
C GLY G 137 -21.30 -16.87 8.95
N TYR G 138 -20.07 -16.94 9.45
CA TYR G 138 -19.41 -15.80 10.06
C TYR G 138 -18.93 -14.73 9.10
N LEU G 139 -18.87 -15.06 7.81
CA LEU G 139 -18.45 -14.13 6.76
C LEU G 139 -19.68 -13.89 5.93
N ASN G 140 -19.74 -14.46 4.72
CA ASN G 140 -20.92 -14.26 3.88
C ASN G 140 -21.89 -15.46 3.76
N LEU G 141 -22.62 -15.55 2.66
CA LEU G 141 -23.55 -16.63 2.43
C LEU G 141 -22.80 -17.95 2.49
N ASP G 142 -23.34 -18.90 3.27
CA ASP G 142 -22.84 -20.31 3.28
C ASP G 142 -23.95 -21.28 3.70
N HIS G 143 -24.62 -21.88 2.72
CA HIS G 143 -25.66 -22.86 3.03
C HIS G 143 -25.09 -24.18 3.56
N ASP G 144 -23.77 -24.36 3.49
CA ASP G 144 -23.06 -25.48 4.08
C ASP G 144 -22.65 -25.25 5.53
N SER G 145 -22.89 -24.04 6.06
CA SER G 145 -22.41 -23.69 7.40
C SER G 145 -23.13 -24.41 8.56
N ALA G 146 -24.42 -24.70 8.39
CA ALA G 146 -25.13 -25.63 9.28
C ALA G 146 -24.54 -27.03 9.12
N ARG G 147 -23.85 -27.49 10.16
CA ARG G 147 -23.16 -28.77 10.15
C ARG G 147 -23.60 -29.60 11.36
N THR G 153 -18.96 -32.21 7.90
CA THR G 153 -19.81 -32.23 6.69
C THR G 153 -21.18 -31.55 6.91
N PRO G 154 -21.74 -30.94 5.83
CA PRO G 154 -22.93 -30.09 5.86
C PRO G 154 -24.19 -30.83 6.22
N VAL G 155 -25.16 -30.11 6.79
CA VAL G 155 -26.46 -30.64 7.18
C VAL G 155 -27.35 -30.94 5.98
N ARG G 156 -27.69 -29.90 5.20
CA ARG G 156 -28.60 -29.96 4.04
C ARG G 156 -28.42 -31.18 3.13
N ALA G 157 -27.21 -31.75 3.11
CA ALA G 157 -26.87 -32.93 2.30
C ALA G 157 -27.23 -34.27 3.00
N LYS H 1 -2.53 -1.55 -0.43
CA LYS H 1 -1.42 -2.24 -1.13
C LYS H 1 -1.88 -3.53 -1.80
N VAL H 2 -1.28 -3.82 -2.94
CA VAL H 2 -1.42 -5.13 -3.56
C VAL H 2 -0.09 -5.88 -3.30
N PHE H 3 -0.16 -7.00 -2.57
CA PHE H 3 1.03 -7.83 -2.28
C PHE H 3 1.32 -8.70 -3.49
N GLY H 4 2.59 -8.96 -3.74
CA GLY H 4 2.96 -10.10 -4.60
C GLY H 4 2.78 -11.35 -3.76
N ARG H 5 2.65 -12.49 -4.43
CA ARG H 5 2.46 -13.78 -3.75
C ARG H 5 3.52 -14.09 -2.68
N CYS H 6 4.80 -14.06 -3.10
CA CYS H 6 5.97 -14.33 -2.24
C CYS H 6 6.11 -13.34 -1.11
N GLU H 7 5.78 -12.08 -1.38
CA GLU H 7 5.78 -11.03 -0.38
C GLU H 7 4.77 -11.33 0.69
N LEU H 8 3.57 -11.72 0.27
CA LEU H 8 2.48 -12.12 1.19
C LEU H 8 2.80 -13.35 2.05
N ALA H 9 3.39 -14.38 1.45
CA ALA H 9 3.89 -15.54 2.19
C ALA H 9 4.94 -15.14 3.26
N ALA H 10 5.92 -14.34 2.85
CA ALA H 10 6.98 -13.89 3.75
C ALA H 10 6.41 -13.14 4.96
N ALA H 11 5.39 -12.32 4.73
CA ALA H 11 4.83 -11.51 5.79
C ALA H 11 3.87 -12.31 6.62
N MET H 12 3.21 -13.30 6.02
CA MET H 12 2.30 -14.17 6.77
C MET H 12 3.06 -15.15 7.69
N LYS H 13 4.20 -15.64 7.21
CA LYS H 13 5.08 -16.48 8.01
C LYS H 13 5.61 -15.71 9.21
N ARG H 14 6.07 -14.48 9.01
CA ARG H 14 6.61 -13.74 10.13
C ARG H 14 5.55 -13.42 11.23
N HIS H 15 4.26 -13.54 10.87
CA HIS H 15 3.13 -13.38 11.81
C HIS H 15 2.53 -14.70 12.25
N GLY H 16 3.35 -15.76 12.21
CA GLY H 16 3.01 -17.07 12.77
C GLY H 16 1.80 -17.80 12.21
N LEU H 17 1.46 -17.54 10.95
CA LEU H 17 0.32 -18.23 10.32
C LEU H 17 0.61 -19.69 9.93
N ASP H 18 1.87 -19.99 9.62
CA ASP H 18 2.28 -21.35 9.26
C ASP H 18 1.98 -22.37 10.37
N ASN H 19 1.07 -23.29 10.05
CA ASN H 19 0.64 -24.36 10.94
C ASN H 19 0.06 -23.84 12.24
N TYR H 20 -0.40 -22.58 12.19
CA TYR H 20 -1.34 -22.08 13.19
C TYR H 20 -2.62 -22.89 12.99
N ARG H 21 -3.03 -23.58 14.05
CA ARG H 21 -4.20 -24.49 14.05
C ARG H 21 -4.13 -25.65 13.04
N GLY H 22 -2.92 -25.96 12.60
CA GLY H 22 -2.73 -27.08 11.71
C GLY H 22 -2.91 -26.73 10.24
N TYR H 23 -2.64 -25.47 9.86
CA TYR H 23 -2.72 -25.07 8.46
C TYR H 23 -1.37 -24.57 7.95
N SER H 24 -0.78 -25.31 7.01
CA SER H 24 0.43 -24.87 6.33
C SER H 24 0.23 -23.47 5.67
N LEU H 25 1.30 -22.66 5.66
CA LEU H 25 1.27 -21.29 5.19
C LEU H 25 0.49 -21.10 3.87
N GLY H 26 0.78 -21.95 2.89
CA GLY H 26 0.12 -21.94 1.58
C GLY H 26 -1.40 -21.90 1.59
N ASN H 27 -2.01 -22.29 2.71
CA ASN H 27 -3.47 -22.29 2.80
C ASN H 27 -3.97 -20.85 2.96
N TRP H 28 -3.17 -20.04 3.66
CA TRP H 28 -3.54 -18.68 3.97
C TRP H 28 -3.34 -17.82 2.73
N VAL H 29 -2.16 -17.95 2.12
CA VAL H 29 -1.82 -17.24 0.89
C VAL H 29 -2.93 -17.49 -0.11
N CYS H 30 -3.24 -18.77 -0.29
CA CYS H 30 -4.30 -19.18 -1.20
C CYS H 30 -5.64 -18.51 -0.89
N ALA H 31 -5.99 -18.44 0.40
CA ALA H 31 -7.23 -17.84 0.88
C ALA H 31 -7.38 -16.36 0.47
N ALA H 32 -6.27 -15.63 0.61
CA ALA H 32 -6.17 -14.20 0.30
C ALA H 32 -6.20 -13.94 -1.21
N LYS H 33 -5.53 -14.81 -1.98
CA LYS H 33 -5.71 -14.85 -3.44
C LYS H 33 -7.16 -14.77 -3.85
N PHE H 34 -8.00 -15.62 -3.29
CA PHE H 34 -9.39 -15.64 -3.70
C PHE H 34 -10.27 -14.59 -3.03
N GLU H 35 -9.91 -14.09 -1.85
CA GLU H 35 -10.75 -13.08 -1.20
C GLU H 35 -10.54 -11.72 -1.85
N SER H 36 -9.29 -11.30 -2.00
CA SER H 36 -8.97 -9.98 -2.44
C SER H 36 -7.94 -9.91 -3.59
N ASN H 37 -7.55 -11.06 -4.16
CA ASN H 37 -6.41 -11.09 -5.07
C ASN H 37 -5.18 -10.35 -4.48
N PHE H 38 -4.82 -10.65 -3.24
CA PHE H 38 -3.74 -9.92 -2.45
C PHE H 38 -3.87 -8.37 -2.24
N ASN H 39 -5.02 -7.75 -2.51
CA ASN H 39 -5.23 -6.29 -2.29
C ASN H 39 -5.76 -6.00 -0.86
N THR H 40 -4.94 -5.36 -0.02
CA THR H 40 -5.29 -5.00 1.36
C THR H 40 -6.44 -4.00 1.44
N GLN H 41 -6.79 -3.40 0.30
CA GLN H 41 -7.76 -2.30 0.27
C GLN H 41 -9.11 -2.69 -0.27
N ALA H 42 -9.24 -3.95 -0.65
CA ALA H 42 -10.49 -4.54 -1.11
C ALA H 42 -11.60 -4.31 -0.08
N THR H 43 -12.81 -4.09 -0.57
CA THR H 43 -13.97 -3.72 0.25
C THR H 43 -15.17 -4.26 -0.48
N ASN H 44 -16.19 -4.71 0.25
CA ASN H 44 -17.44 -5.20 -0.35
C ASN H 44 -18.60 -4.83 0.56
N ARG H 45 -19.47 -3.94 0.12
CA ARG H 45 -20.70 -3.64 0.86
C ARG H 45 -21.64 -4.88 0.77
N ASN H 46 -22.07 -5.38 1.94
CA ASN H 46 -23.06 -6.47 2.05
C ASN H 46 -24.50 -5.94 2.15
N THR H 47 -25.48 -6.79 1.88
CA THR H 47 -26.89 -6.34 1.88
C THR H 47 -27.45 -6.10 3.28
N ASP H 48 -26.82 -6.67 4.32
CA ASP H 48 -27.31 -6.47 5.67
C ASP H 48 -26.81 -5.16 6.32
N GLY H 49 -26.01 -4.39 5.59
CA GLY H 49 -25.50 -3.09 6.07
C GLY H 49 -24.05 -3.20 6.51
N SER H 50 -23.57 -4.42 6.70
CA SER H 50 -22.16 -4.66 6.98
C SER H 50 -21.31 -4.58 5.68
N THR H 51 -19.98 -4.67 5.83
CA THR H 51 -19.01 -4.60 4.70
C THR H 51 -17.87 -5.59 5.01
N ASP H 52 -17.20 -6.13 3.99
CA ASP H 52 -15.95 -6.92 4.15
C ASP H 52 -14.72 -6.09 3.88
N TYR H 53 -13.65 -6.28 4.65
CA TYR H 53 -12.45 -5.44 4.60
C TYR H 53 -11.17 -6.26 4.47
N GLY H 54 -10.21 -5.74 3.70
CA GLY H 54 -8.84 -6.27 3.65
C GLY H 54 -8.65 -7.55 2.85
N ILE H 55 -7.48 -8.14 2.99
CA ILE H 55 -7.03 -9.28 2.20
C ILE H 55 -7.84 -10.55 2.42
N LEU H 56 -8.48 -10.68 3.58
CA LEU H 56 -9.34 -11.83 3.87
C LEU H 56 -10.83 -11.50 3.91
N GLN H 57 -11.17 -10.28 3.47
CA GLN H 57 -12.56 -9.84 3.48
C GLN H 57 -13.29 -10.14 4.80
N ILE H 58 -12.73 -9.66 5.90
CA ILE H 58 -13.27 -9.86 7.27
C ILE H 58 -14.36 -8.82 7.46
N ASN H 59 -15.56 -9.24 7.83
CA ASN H 59 -16.69 -8.31 7.86
C ASN H 59 -16.95 -7.51 9.15
N SER H 60 -17.83 -6.50 9.04
CA SER H 60 -18.08 -5.57 10.12
C SER H 60 -19.23 -6.01 11.00
N ARG H 61 -19.96 -7.06 10.58
CA ARG H 61 -21.03 -7.59 11.42
C ARG H 61 -20.46 -8.25 12.70
N TRP H 62 -19.50 -9.14 12.53
CA TRP H 62 -19.04 -10.01 13.59
C TRP H 62 -17.70 -9.56 14.19
N TRP H 63 -16.81 -9.05 13.35
CA TRP H 63 -15.37 -9.03 13.63
C TRP H 63 -14.76 -7.65 13.91
N CYS H 64 -15.18 -6.65 13.15
CA CYS H 64 -14.61 -5.33 13.34
C CYS H 64 -15.71 -4.29 13.41
N ASN H 65 -15.32 -3.10 13.86
CA ASN H 65 -16.18 -1.94 13.93
C ASN H 65 -15.75 -0.91 12.86
N ASP H 66 -16.66 -0.54 11.95
CA ASP H 66 -16.41 0.48 10.94
C ASP H 66 -17.23 1.78 11.22
N GLY H 67 -17.93 1.79 12.35
CA GLY H 67 -18.76 2.95 12.73
C GLY H 67 -20.03 3.14 11.91
N ARG H 68 -20.36 2.20 11.02
CA ARG H 68 -21.56 2.25 10.15
C ARG H 68 -22.29 0.91 10.07
N THR H 69 -22.03 0.02 11.03
CA THR H 69 -22.69 -1.27 11.06
C THR H 69 -23.44 -1.39 12.38
N PRO H 70 -24.69 -0.90 12.42
CA PRO H 70 -25.58 -1.12 13.57
C PRO H 70 -25.54 -2.55 14.09
N GLY H 71 -25.13 -2.70 15.35
CA GLY H 71 -25.19 -3.98 16.03
C GLY H 71 -23.93 -4.82 15.96
N SER H 72 -22.83 -4.23 15.47
CA SER H 72 -21.58 -4.95 15.32
C SER H 72 -20.98 -5.45 16.61
N ARG H 73 -20.74 -6.76 16.62
CA ARG H 73 -19.95 -7.40 17.60
C ARG H 73 -18.56 -7.19 17.10
N ASN H 74 -17.86 -6.26 17.65
CA ASN H 74 -16.50 -6.08 17.22
C ASN H 74 -15.62 -7.17 17.88
N LEU H 75 -15.84 -8.44 17.54
CA LEU H 75 -15.09 -9.53 18.20
C LEU H 75 -13.56 -9.36 18.19
N CYS H 76 -12.99 -8.79 17.13
CA CYS H 76 -11.56 -8.62 17.07
C CYS H 76 -11.12 -7.38 17.80
N ASN H 77 -12.07 -6.62 18.34
CA ASN H 77 -11.76 -5.38 19.06
C ASN H 77 -10.89 -4.43 18.23
N ILE H 78 -11.24 -4.24 16.97
CA ILE H 78 -10.49 -3.32 16.10
C ILE H 78 -11.37 -2.42 15.18
N PRO H 79 -10.84 -1.25 14.74
CA PRO H 79 -11.52 -0.45 13.71
C PRO H 79 -11.33 -1.14 12.38
N CYS H 80 -12.35 -1.18 11.53
CA CYS H 80 -12.23 -1.87 10.23
C CYS H 80 -11.15 -1.31 9.30
N SER H 81 -10.86 -0.01 9.41
CA SER H 81 -9.80 0.63 8.61
C SER H 81 -8.40 0.00 8.85
N ALA H 82 -8.22 -0.64 10.02
CA ALA H 82 -6.96 -1.32 10.36
C ALA H 82 -6.76 -2.48 9.40
N LEU H 83 -7.86 -3.07 8.98
CA LEU H 83 -7.89 -4.18 8.07
C LEU H 83 -7.53 -3.76 6.66
N LEU H 84 -7.44 -2.45 6.44
CA LEU H 84 -7.15 -1.90 5.12
C LEU H 84 -5.69 -1.42 4.99
N SER H 85 -4.96 -1.44 6.11
CA SER H 85 -3.56 -1.03 6.20
C SER H 85 -2.69 -1.83 5.27
N SER H 86 -1.61 -1.24 4.79
CA SER H 86 -0.62 -1.94 3.97
C SER H 86 0.21 -2.92 4.83
N ASP H 87 -0.02 -2.87 6.14
CA ASP H 87 0.56 -3.78 7.13
C ASP H 87 -0.48 -4.84 7.48
N ILE H 88 -0.13 -6.12 7.40
CA ILE H 88 -1.16 -7.19 7.50
C ILE H 88 -1.51 -7.70 8.91
N THR H 89 -0.74 -7.24 9.90
CA THR H 89 -0.90 -7.65 11.30
C THR H 89 -2.33 -7.68 11.80
N ALA H 90 -3.02 -6.53 11.74
CA ALA H 90 -4.43 -6.51 12.16
C ALA H 90 -5.30 -7.58 11.45
N SER H 91 -5.14 -7.75 10.13
CA SER H 91 -5.87 -8.79 9.36
C SER H 91 -5.48 -10.22 9.78
N VAL H 92 -4.18 -10.47 9.95
CA VAL H 92 -3.68 -11.75 10.46
C VAL H 92 -4.20 -12.08 11.90
N ASN H 93 -4.25 -11.08 12.80
CA ASN H 93 -4.80 -11.29 14.17
C ASN H 93 -6.29 -11.60 14.18
N CYS H 94 -7.01 -10.92 13.30
CA CYS H 94 -8.43 -11.20 13.20
C CYS H 94 -8.73 -12.55 12.54
N ALA H 95 -7.88 -12.96 11.59
CA ALA H 95 -7.96 -14.28 10.97
C ALA H 95 -7.77 -15.43 12.01
N LYS H 96 -6.72 -15.32 12.81
CA LYS H 96 -6.46 -16.21 13.97
C LYS H 96 -7.59 -16.27 14.99
N LYS H 97 -8.29 -15.17 15.20
CA LYS H 97 -9.45 -15.16 16.09
C LYS H 97 -10.62 -15.89 15.39
N ILE H 98 -10.71 -15.79 14.05
CA ILE H 98 -11.75 -16.50 13.28
C ILE H 98 -11.43 -18.02 13.16
N VAL H 99 -10.19 -18.35 12.84
CA VAL H 99 -9.78 -19.76 12.78
C VAL H 99 -9.26 -20.20 14.15
N GLY H 104 -12.41 -24.42 10.82
CA GLY H 104 -11.64 -23.20 11.05
C GLY H 104 -11.65 -22.32 9.81
N MET H 105 -10.68 -22.54 8.93
CA MET H 105 -10.63 -21.92 7.60
C MET H 105 -11.85 -22.26 6.72
N ASN H 106 -12.65 -23.22 7.14
CA ASN H 106 -13.92 -23.51 6.44
C ASN H 106 -14.81 -22.27 6.31
N ALA H 107 -14.47 -21.26 7.11
CA ALA H 107 -15.18 -19.97 7.11
C ALA H 107 -15.11 -19.30 5.72
N TRP H 108 -13.96 -19.42 5.07
CA TRP H 108 -13.71 -18.92 3.72
C TRP H 108 -14.16 -19.95 2.69
N VAL H 109 -15.40 -19.77 2.18
CA VAL H 109 -16.04 -20.67 1.22
C VAL H 109 -15.20 -20.88 -0.05
N ALA H 110 -14.59 -19.81 -0.53
CA ALA H 110 -13.76 -19.88 -1.70
C ALA H 110 -12.47 -20.63 -1.43
N TRP H 111 -11.93 -20.50 -0.21
CA TRP H 111 -10.79 -21.35 0.21
C TRP H 111 -11.17 -22.84 0.25
N ARG H 112 -12.33 -23.14 0.82
CA ARG H 112 -12.87 -24.48 0.84
C ARG H 112 -12.97 -25.05 -0.58
N ASN H 113 -13.50 -24.27 -1.53
CA ASN H 113 -13.85 -24.78 -2.86
C ASN H 113 -12.69 -24.84 -3.87
N ARG H 114 -11.74 -23.92 -3.74
CA ARG H 114 -10.64 -23.81 -4.69
C ARG H 114 -9.26 -24.18 -4.12
N CYS H 115 -9.08 -24.21 -2.80
CA CYS H 115 -7.71 -24.42 -2.22
C CYS H 115 -7.57 -25.74 -1.41
N LYS H 116 -8.57 -26.02 -0.58
CA LYS H 116 -8.57 -27.17 0.30
C LYS H 116 -8.68 -28.45 -0.55
N GLY H 117 -7.74 -29.36 -0.32
CA GLY H 117 -7.63 -30.59 -1.10
C GLY H 117 -6.97 -30.31 -2.43
N THR H 118 -6.00 -29.38 -2.41
CA THR H 118 -5.11 -29.16 -3.55
C THR H 118 -3.68 -29.17 -2.99
N ASP H 119 -2.69 -28.90 -3.84
CA ASP H 119 -1.28 -28.86 -3.48
C ASP H 119 -0.95 -27.44 -2.97
N VAL H 120 -1.51 -27.10 -1.81
CA VAL H 120 -1.55 -25.71 -1.34
C VAL H 120 -0.17 -25.15 -1.06
N GLN H 121 0.78 -26.04 -0.77
CA GLN H 121 2.16 -25.57 -0.58
C GLN H 121 2.78 -25.07 -1.87
N ALA H 122 2.11 -25.29 -3.00
CA ALA H 122 2.52 -24.65 -4.25
C ALA H 122 2.52 -23.10 -4.16
N TRP H 123 1.62 -22.51 -3.38
CA TRP H 123 1.54 -21.04 -3.17
C TRP H 123 2.72 -20.43 -2.42
N ILE H 124 3.58 -21.31 -1.92
CA ILE H 124 4.80 -20.98 -1.16
C ILE H 124 6.07 -21.16 -2.01
N ARG H 125 5.95 -21.98 -3.05
CA ARG H 125 7.05 -22.44 -3.90
C ARG H 125 7.71 -21.27 -4.65
N GLY H 126 9.04 -21.23 -4.64
CA GLY H 126 9.78 -20.17 -5.35
C GLY H 126 10.07 -18.91 -4.52
N CYS H 127 9.92 -19.01 -3.20
CA CYS H 127 10.13 -17.86 -2.31
C CYS H 127 11.44 -18.02 -1.50
#